data_4U2M
#
_entry.id   4U2M
#
_cell.length_a   91.850
_cell.length_b   97.880
_cell.length_c   119.880
_cell.angle_alpha   90.000
_cell.angle_beta   90.000
_cell.angle_gamma   90.000
#
_symmetry.space_group_name_H-M   'P 21 21 21'
#
loop_
_entity.id
_entity.type
_entity.pdbx_description
1 polymer 'Zinc finger and BTB domain-containing protein 17,B-cell lymphoma 6 protein'
2 water water
#
_entity_poly.entity_id   1
_entity_poly.type   'polypeptide(L)'
_entity_poly.pdbx_seq_one_letter_code
;GPLGSDFPQHSQHVLEQLNQQRQLGLLCDCTFVVDGVHFKAHKAVLAACSEYFKMLFVDQKDVVHLDISNAAGLGQVLEF
MYTAKLSLSPENVDDVLAVATFLQMQDIITACHALKSLARSGGGSSGGSGTADSCIQFTRHASDVLLNLNRLRSRDILTD
VVIVVSREQFRAHKTVLMACSGLFYSIFTDQLKCNLSVINLDPEINPEGFCILLDFMYTSRLNLREGNIMAVMATAMYLQ
MEHVVDTCRKFIKASE
;
_entity_poly.pdbx_strand_id   A,B,C,D
#
# COMPACT_ATOMS: atom_id res chain seq x y z
N ASP A 6 14.99 -26.72 -19.61
CA ASP A 6 14.36 -27.79 -20.48
C ASP A 6 13.35 -28.69 -19.74
N PHE A 7 12.14 -28.21 -19.62
CA PHE A 7 11.09 -28.94 -18.91
C PHE A 7 9.93 -29.20 -19.86
N PRO A 8 9.98 -30.31 -20.62
CA PRO A 8 9.04 -30.41 -21.74
C PRO A 8 7.57 -30.64 -21.36
N GLN A 9 7.31 -31.01 -20.12
CA GLN A 9 5.94 -31.20 -19.68
C GLN A 9 5.38 -30.03 -18.89
N HIS A 10 6.19 -28.99 -18.72
CA HIS A 10 5.79 -27.90 -17.89
C HIS A 10 4.51 -27.21 -18.40
N SER A 11 4.41 -26.94 -19.69
CA SER A 11 3.21 -26.19 -20.17
C SER A 11 1.92 -27.01 -20.03
N GLN A 12 2.06 -28.33 -20.17
CA GLN A 12 0.92 -29.25 -20.02
C GLN A 12 0.52 -29.29 -18.55
N HIS A 13 1.50 -29.26 -17.66
CA HIS A 13 1.25 -29.21 -16.23
C HIS A 13 0.49 -27.93 -15.86
N VAL A 14 0.94 -26.82 -16.39
CA VAL A 14 0.28 -25.51 -16.12
C VAL A 14 -1.16 -25.53 -16.60
N LEU A 15 -1.38 -25.97 -17.83
CA LEU A 15 -2.75 -26.05 -18.33
C LEU A 15 -3.67 -26.89 -17.45
N GLU A 16 -3.20 -28.06 -17.06
CA GLU A 16 -4.02 -28.92 -16.15
C GLU A 16 -4.29 -28.19 -14.82
N GLN A 17 -3.29 -27.47 -14.30
CA GLN A 17 -3.52 -26.70 -13.07
C GLN A 17 -4.57 -25.60 -13.30
N LEU A 18 -4.51 -24.91 -14.45
CA LEU A 18 -5.49 -23.88 -14.74
C LEU A 18 -6.88 -24.50 -14.83
N ASN A 19 -6.96 -25.69 -15.38
CA ASN A 19 -8.26 -26.38 -15.46
C ASN A 19 -8.81 -26.83 -14.13
N GLN A 20 -7.95 -27.36 -13.30
CA GLN A 20 -8.33 -27.62 -11.90
C GLN A 20 -8.83 -26.35 -11.26
N GLN A 21 -8.08 -25.25 -11.37
CA GLN A 21 -8.57 -23.97 -10.79
C GLN A 21 -9.99 -23.63 -11.24
N ARG A 22 -10.20 -23.69 -12.54
CA ARG A 22 -11.51 -23.33 -13.11
C ARG A 22 -12.64 -24.21 -12.58
N GLN A 23 -12.40 -25.49 -12.51
CA GLN A 23 -13.39 -26.38 -11.90
C GLN A 23 -13.72 -26.02 -10.46
N LEU A 24 -12.74 -25.52 -9.70
CA LEU A 24 -12.97 -25.10 -8.28
C LEU A 24 -13.30 -23.65 -8.11
N GLY A 25 -13.35 -22.90 -9.19
CA GLY A 25 -13.57 -21.46 -9.12
C GLY A 25 -12.40 -20.60 -8.61
N LEU A 26 -11.23 -21.20 -8.41
CA LEU A 26 -10.08 -20.50 -7.87
C LEU A 26 -9.57 -19.45 -8.86
N LEU A 27 -9.43 -18.25 -8.37
CA LEU A 27 -9.04 -17.06 -9.10
C LEU A 27 -9.85 -16.68 -10.32
N CYS A 28 -10.97 -17.34 -10.53
CA CYS A 28 -11.81 -17.02 -11.66
C CYS A 28 -12.44 -15.64 -11.47
N ASP A 29 -12.32 -14.81 -12.49
CA ASP A 29 -12.74 -13.41 -12.42
C ASP A 29 -13.73 -13.07 -13.54
N CYS A 30 -14.28 -14.09 -14.18
CA CYS A 30 -15.37 -13.87 -15.13
C CYS A 30 -16.29 -15.07 -15.17
N THR A 31 -17.57 -14.76 -15.29
CA THR A 31 -18.64 -15.76 -15.25
C THR A 31 -19.57 -15.52 -16.43
N PHE A 32 -19.83 -16.60 -17.14
CA PHE A 32 -20.79 -16.57 -18.27
C PHE A 32 -22.04 -17.37 -17.91
N VAL A 33 -23.24 -16.86 -18.29
CA VAL A 33 -24.55 -17.58 -18.11
C VAL A 33 -25.05 -18.24 -19.41
N GLY A 36 -29.13 -20.98 -18.63
CA GLY A 36 -29.08 -21.78 -17.41
C GLY A 36 -27.81 -22.50 -16.98
N VAL A 37 -26.71 -22.29 -17.70
CA VAL A 37 -25.38 -22.81 -17.27
C VAL A 37 -24.43 -21.66 -16.86
N HIS A 38 -23.86 -21.79 -15.66
CA HIS A 38 -22.82 -20.88 -15.13
C HIS A 38 -21.44 -21.43 -15.42
N PHE A 39 -20.66 -20.68 -16.19
CA PHE A 39 -19.28 -21.09 -16.56
C PHE A 39 -18.28 -20.08 -15.94
N LYS A 40 -17.39 -20.53 -15.08
CA LYS A 40 -16.36 -19.65 -14.50
C LYS A 40 -15.08 -19.72 -15.33
N ALA A 41 -14.30 -18.64 -15.40
CA ALA A 41 -13.09 -18.63 -16.17
C ALA A 41 -12.14 -17.57 -15.67
N HIS A 42 -10.92 -17.61 -16.19
CA HIS A 42 -9.95 -16.58 -15.91
C HIS A 42 -9.86 -15.66 -17.15
N LYS A 43 -9.95 -14.36 -16.96
CA LYS A 43 -9.76 -13.42 -18.08
C LYS A 43 -8.45 -13.60 -18.81
N ALA A 44 -7.37 -13.78 -18.06
CA ALA A 44 -6.06 -13.95 -18.72
C ALA A 44 -6.01 -15.15 -19.61
N VAL A 45 -6.65 -16.25 -19.19
CA VAL A 45 -6.59 -17.48 -20.00
C VAL A 45 -7.40 -17.25 -21.27
N LEU A 46 -8.59 -16.70 -21.11
CA LEU A 46 -9.43 -16.34 -22.29
C LEU A 46 -8.71 -15.41 -23.25
N ALA A 47 -8.05 -14.39 -22.71
CA ALA A 47 -7.26 -13.48 -23.53
C ALA A 47 -6.14 -14.20 -24.23
N ALA A 48 -5.58 -15.21 -23.58
CA ALA A 48 -4.46 -15.97 -24.18
C ALA A 48 -4.90 -16.87 -25.33
N CYS A 49 -6.18 -17.15 -25.38
CA CYS A 49 -6.69 -18.07 -26.39
C CYS A 49 -7.49 -17.35 -27.48
N SER A 50 -7.96 -16.14 -27.20
CA SER A 50 -8.84 -15.38 -28.09
C SER A 50 -8.53 -13.88 -28.19
N GLU A 51 -8.24 -13.43 -29.38
CA GLU A 51 -7.92 -12.03 -29.64
C GLU A 51 -9.10 -11.17 -29.26
N TYR A 52 -10.27 -11.69 -29.52
CA TYR A 52 -11.49 -10.98 -29.12
C TYR A 52 -11.62 -10.77 -27.62
N PHE A 53 -11.37 -11.81 -26.85
CA PHE A 53 -11.47 -11.66 -25.38
C PHE A 53 -10.39 -10.74 -24.86
N LYS A 54 -9.24 -10.80 -25.49
CA LYS A 54 -8.11 -9.95 -25.07
C LYS A 54 -8.44 -8.44 -25.19
N MET A 55 -8.96 -8.08 -26.34
CA MET A 55 -9.46 -6.71 -26.58
C MET A 55 -10.58 -6.40 -25.60
N LEU A 56 -11.55 -7.31 -25.50
CA LEU A 56 -12.67 -7.06 -24.57
C LEU A 56 -12.26 -6.81 -23.12
N PHE A 57 -11.23 -7.50 -22.64
CA PHE A 57 -10.91 -7.41 -21.21
C PHE A 57 -9.92 -6.32 -20.90
N VAL A 58 -9.09 -5.97 -21.86
CA VAL A 58 -8.26 -4.78 -21.73
C VAL A 58 -9.16 -3.55 -21.61
N ASP A 59 -10.10 -3.43 -22.53
CA ASP A 59 -11.10 -2.33 -22.51
C ASP A 59 -12.25 -2.44 -21.50
N GLN A 60 -12.38 -3.62 -20.88
CA GLN A 60 -13.61 -4.05 -20.16
C GLN A 60 -14.89 -3.66 -20.91
N ASN A 70 -23.61 -15.95 -23.25
CA ASN A 70 -24.85 -16.75 -23.42
C ASN A 70 -24.99 -17.64 -24.72
N ALA A 71 -24.06 -17.57 -25.68
CA ALA A 71 -24.22 -18.35 -26.97
C ALA A 71 -23.99 -19.87 -26.82
N ALA A 72 -24.71 -20.66 -27.61
CA ALA A 72 -24.90 -22.10 -27.31
C ALA A 72 -23.61 -22.96 -27.20
N GLY A 73 -22.65 -22.70 -28.09
CA GLY A 73 -21.35 -23.42 -28.15
C GLY A 73 -20.18 -22.93 -27.29
N LEU A 74 -20.49 -22.08 -26.35
CA LEU A 74 -19.49 -21.47 -25.55
C LEU A 74 -18.86 -22.46 -24.58
N GLY A 75 -19.67 -23.34 -24.03
CA GLY A 75 -19.20 -24.38 -23.14
C GLY A 75 -18.10 -25.19 -23.79
N GLN A 76 -18.30 -25.52 -25.04
CA GLN A 76 -17.32 -26.29 -25.76
C GLN A 76 -16.04 -25.54 -26.02
N VAL A 77 -16.17 -24.27 -26.38
CA VAL A 77 -14.99 -23.43 -26.60
C VAL A 77 -14.19 -23.28 -25.29
N LEU A 78 -14.87 -23.04 -24.19
CA LEU A 78 -14.16 -22.94 -22.89
C LEU A 78 -13.44 -24.21 -22.52
N GLU A 79 -14.12 -25.33 -22.74
CA GLU A 79 -13.54 -26.63 -22.46
C GLU A 79 -12.27 -26.81 -23.24
N PHE A 80 -12.32 -26.46 -24.52
CA PHE A 80 -11.12 -26.53 -25.34
C PHE A 80 -9.99 -25.64 -24.81
N MET A 81 -10.32 -24.44 -24.40
CA MET A 81 -9.28 -23.52 -23.93
C MET A 81 -8.47 -24.14 -22.76
N TYR A 82 -9.20 -24.81 -21.86
CA TYR A 82 -8.67 -25.31 -20.62
C TYR A 82 -8.14 -26.75 -20.69
N THR A 83 -8.52 -27.49 -21.73
CA THR A 83 -8.10 -28.92 -21.87
C THR A 83 -7.47 -29.33 -23.18
N ALA A 84 -7.51 -28.46 -24.18
CA ALA A 84 -6.96 -28.78 -25.50
C ALA A 84 -7.81 -29.80 -26.27
N LYS A 85 -8.93 -30.17 -25.70
CA LYS A 85 -9.84 -31.09 -26.32
C LYS A 85 -11.10 -30.35 -26.78
N LEU A 86 -11.48 -30.63 -28.01
CA LEU A 86 -12.72 -30.11 -28.56
C LEU A 86 -13.62 -31.27 -28.96
N SER A 87 -14.84 -31.32 -28.38
CA SER A 87 -15.83 -32.36 -28.70
C SER A 87 -16.97 -31.85 -29.58
N LEU A 88 -16.94 -32.22 -30.83
CA LEU A 88 -17.94 -31.80 -31.77
C LEU A 88 -18.95 -32.89 -32.01
N SER A 89 -20.17 -32.50 -32.33
CA SER A 89 -21.22 -33.40 -32.71
C SER A 89 -22.08 -32.71 -33.75
N PRO A 90 -22.95 -33.44 -34.43
CA PRO A 90 -23.78 -32.77 -35.43
C PRO A 90 -24.72 -31.78 -34.79
N GLU A 91 -25.05 -32.01 -33.53
CA GLU A 91 -25.91 -31.10 -32.80
C GLU A 91 -25.25 -29.77 -32.36
N ASN A 92 -23.93 -29.77 -32.16
CA ASN A 92 -23.30 -28.56 -31.65
C ASN A 92 -22.36 -27.85 -32.66
N VAL A 93 -22.10 -28.45 -33.81
CA VAL A 93 -21.03 -27.98 -34.67
C VAL A 93 -21.23 -26.54 -35.15
N ASP A 94 -22.46 -26.19 -35.50
CA ASP A 94 -22.74 -24.84 -36.05
C ASP A 94 -22.66 -23.79 -34.97
N ASP A 95 -23.28 -24.09 -33.84
CA ASP A 95 -23.09 -23.30 -32.63
C ASP A 95 -21.60 -23.09 -32.30
N VAL A 96 -20.81 -24.16 -32.26
CA VAL A 96 -19.40 -23.99 -31.89
C VAL A 96 -18.72 -23.12 -32.95
N LEU A 97 -19.03 -23.37 -34.22
CA LEU A 97 -18.42 -22.60 -35.31
C LEU A 97 -18.72 -21.11 -35.25
N ALA A 98 -19.97 -20.78 -34.96
CA ALA A 98 -20.42 -19.39 -34.82
C ALA A 98 -19.69 -18.70 -33.68
N VAL A 99 -19.62 -19.35 -32.53
CA VAL A 99 -18.92 -18.78 -31.40
C VAL A 99 -17.46 -18.60 -31.77
N ALA A 100 -16.86 -19.61 -32.39
CA ALA A 100 -15.40 -19.55 -32.67
C ALA A 100 -15.08 -18.46 -33.68
N THR A 101 -16.02 -18.22 -34.58
CA THR A 101 -15.84 -17.20 -35.61
C THR A 101 -15.86 -15.83 -34.96
N PHE A 102 -16.89 -15.59 -34.18
CA PHE A 102 -16.98 -14.42 -33.38
C PHE A 102 -15.70 -14.19 -32.55
N LEU A 103 -15.14 -15.23 -31.97
CA LEU A 103 -13.99 -15.06 -31.07
C LEU A 103 -12.68 -15.13 -31.81
N GLN A 104 -12.76 -15.35 -33.12
CA GLN A 104 -11.58 -15.50 -33.99
C GLN A 104 -10.64 -16.64 -33.58
N MET A 105 -11.21 -17.79 -33.26
CA MET A 105 -10.38 -18.93 -32.83
C MET A 105 -10.21 -19.93 -33.95
N GLN A 106 -9.11 -19.76 -34.64
CA GLN A 106 -8.88 -20.41 -35.95
C GLN A 106 -8.82 -21.92 -35.90
N ASP A 107 -8.13 -22.44 -34.90
CA ASP A 107 -8.04 -23.86 -34.61
C ASP A 107 -9.45 -24.50 -34.54
N ILE A 108 -10.34 -23.83 -33.81
CA ILE A 108 -11.71 -24.32 -33.70
C ILE A 108 -12.50 -24.19 -34.98
N ILE A 109 -12.30 -23.08 -35.67
CA ILE A 109 -13.00 -22.83 -36.93
C ILE A 109 -12.69 -23.94 -37.91
N THR A 110 -11.41 -24.24 -38.04
CA THR A 110 -10.94 -25.27 -38.96
C THR A 110 -11.43 -26.68 -38.56
N ALA A 111 -11.43 -26.95 -37.27
CA ALA A 111 -11.97 -28.26 -36.80
C ALA A 111 -13.44 -28.41 -37.19
N CYS A 112 -14.23 -27.36 -36.99
CA CYS A 112 -15.65 -27.42 -37.36
C CYS A 112 -15.81 -27.66 -38.88
N HIS A 113 -15.03 -26.96 -39.69
CA HIS A 113 -15.08 -27.17 -41.16
C HIS A 113 -14.66 -28.59 -41.53
N ALA A 114 -13.61 -29.07 -40.88
CA ALA A 114 -13.17 -30.46 -41.06
C ALA A 114 -14.30 -31.47 -40.70
N LEU A 115 -14.97 -31.26 -39.57
CA LEU A 115 -16.08 -32.16 -39.26
C LEU A 115 -17.16 -32.12 -40.35
N LYS A 116 -17.57 -30.93 -40.74
CA LYS A 116 -18.60 -30.80 -41.76
C LYS A 116 -18.18 -31.35 -43.13
N SER A 117 -16.88 -31.29 -43.43
CA SER A 117 -16.35 -31.90 -44.66
C SER A 117 -16.64 -33.39 -44.74
N LEU A 118 -16.93 -34.02 -43.60
CA LEU A 118 -17.28 -35.45 -43.58
C LEU A 118 -18.67 -35.76 -44.13
N ALA A 119 -19.56 -34.77 -44.15
CA ALA A 119 -20.87 -34.92 -44.80
C ALA A 119 -20.81 -34.31 -46.21
N GLY A 130 -23.92 -33.40 -40.46
CA GLY A 130 -23.69 -34.80 -40.78
C GLY A 130 -24.10 -35.77 -39.67
N THR A 131 -23.32 -36.84 -39.55
CA THR A 131 -23.65 -37.95 -38.62
C THR A 131 -22.44 -38.44 -37.82
N ALA A 132 -21.38 -37.63 -37.77
CA ALA A 132 -20.17 -38.00 -37.02
C ALA A 132 -19.96 -37.14 -35.81
N ASP A 133 -19.55 -37.74 -34.71
CA ASP A 133 -19.00 -36.96 -33.60
C ASP A 133 -17.49 -37.01 -33.74
N SER A 134 -16.83 -35.97 -33.25
CA SER A 134 -15.40 -35.99 -33.16
C SER A 134 -14.88 -35.33 -31.89
N CYS A 135 -13.91 -35.99 -31.28
CA CYS A 135 -13.17 -35.45 -30.19
C CYS A 135 -11.73 -35.21 -30.66
N ILE A 136 -11.35 -33.96 -30.71
CA ILE A 136 -10.09 -33.57 -31.25
C ILE A 136 -9.18 -33.05 -30.17
N GLN A 137 -7.95 -33.52 -30.17
CA GLN A 137 -6.96 -33.13 -29.16
C GLN A 137 -5.82 -32.41 -29.82
N PHE A 138 -5.64 -31.18 -29.42
CA PHE A 138 -4.62 -30.32 -30.00
C PHE A 138 -3.39 -30.35 -29.12
N THR A 139 -2.39 -31.10 -29.55
CA THR A 139 -1.24 -31.37 -28.68
C THR A 139 -0.30 -30.17 -28.44
N ARG A 140 -0.43 -29.12 -29.23
CA ARG A 140 0.38 -27.90 -29.09
C ARG A 140 -0.32 -26.78 -28.33
N HIS A 141 -1.56 -27.02 -27.97
CA HIS A 141 -2.35 -25.98 -27.37
C HIS A 141 -1.80 -25.49 -26.01
N ALA A 142 -1.40 -26.40 -25.16
CA ALA A 142 -0.87 -25.99 -23.84
C ALA A 142 0.33 -25.05 -23.99
N SER A 143 1.26 -25.41 -24.87
CA SER A 143 2.40 -24.54 -25.16
C SER A 143 1.98 -23.19 -25.73
N ASP A 144 0.99 -23.18 -26.61
CA ASP A 144 0.47 -21.90 -27.17
C ASP A 144 -0.11 -21.03 -26.08
N VAL A 145 -0.90 -21.63 -25.20
CA VAL A 145 -1.46 -20.85 -24.08
C VAL A 145 -0.39 -20.22 -23.21
N LEU A 146 0.61 -21.00 -22.84
CA LEU A 146 1.66 -20.49 -21.93
C LEU A 146 2.44 -19.37 -22.62
N LEU A 147 2.74 -19.59 -23.89
CA LEU A 147 3.44 -18.60 -24.70
C LEU A 147 2.67 -17.31 -24.76
N ASN A 148 1.36 -17.43 -24.99
CA ASN A 148 0.54 -16.22 -24.98
C ASN A 148 0.40 -15.58 -23.63
N LEU A 149 0.37 -16.39 -22.57
CA LEU A 149 0.30 -15.78 -21.22
C LEU A 149 1.56 -14.96 -21.00
N ASN A 150 2.68 -15.47 -21.47
CA ASN A 150 3.94 -14.77 -21.30
C ASN A 150 3.99 -13.48 -22.13
N ARG A 151 3.48 -13.54 -23.35
CA ARG A 151 3.28 -12.28 -24.12
C ARG A 151 2.43 -11.30 -23.38
N LEU A 152 1.32 -11.76 -22.80
CA LEU A 152 0.50 -10.82 -21.96
C LEU A 152 1.32 -10.25 -20.85
N ARG A 153 2.10 -11.11 -20.18
CA ARG A 153 2.93 -10.57 -19.10
C ARG A 153 3.95 -9.53 -19.59
N SER A 154 4.63 -9.82 -20.68
CA SER A 154 5.60 -8.86 -21.31
C SER A 154 5.07 -7.45 -21.52
N ARG A 155 3.82 -7.35 -21.93
CA ARG A 155 3.19 -6.07 -22.22
C ARG A 155 2.34 -5.59 -21.05
N ASP A 156 2.44 -6.28 -19.93
CA ASP A 156 1.61 -5.96 -18.72
C ASP A 156 0.06 -6.03 -18.90
N ILE A 157 -0.40 -6.95 -19.73
CA ILE A 157 -1.81 -7.07 -19.96
C ILE A 157 -2.49 -8.08 -19.00
N LEU A 158 -3.54 -7.62 -18.34
CA LEU A 158 -4.37 -8.41 -17.40
C LEU A 158 -3.63 -8.96 -16.20
N THR A 159 -2.41 -8.48 -15.99
CA THR A 159 -1.71 -8.81 -14.78
C THR A 159 -2.53 -8.24 -13.64
N ASP A 160 -2.64 -8.99 -12.57
CA ASP A 160 -3.49 -8.58 -11.44
C ASP A 160 -2.73 -8.63 -10.13
N VAL A 161 -1.43 -8.80 -10.21
CA VAL A 161 -0.68 -8.71 -8.99
C VAL A 161 0.70 -8.16 -9.30
N VAL A 162 1.26 -7.48 -8.31
CA VAL A 162 2.68 -7.13 -8.31
C VAL A 162 3.35 -7.87 -7.16
N ILE A 163 4.42 -8.58 -7.48
CA ILE A 163 5.21 -9.25 -6.45
C ILE A 163 6.42 -8.33 -6.18
N VAL A 164 6.56 -7.95 -4.92
CA VAL A 164 7.66 -7.06 -4.48
C VAL A 164 8.69 -7.85 -3.72
N VAL A 165 9.90 -7.84 -4.26
CA VAL A 165 11.01 -8.55 -3.68
C VAL A 165 12.08 -7.52 -3.40
N SER A 166 12.19 -7.14 -2.12
CA SER A 166 13.05 -6.07 -1.70
C SER A 166 12.72 -4.81 -2.53
N ARG A 167 13.63 -4.41 -3.39
CA ARG A 167 13.41 -3.16 -4.14
C ARG A 167 12.49 -3.44 -5.36
N GLU A 168 12.74 -4.56 -6.00
CA GLU A 168 12.18 -4.87 -7.32
C GLU A 168 10.72 -5.31 -7.31
N GLN A 169 10.08 -5.09 -8.45
CA GLN A 169 8.66 -5.31 -8.64
C GLN A 169 8.47 -6.15 -9.87
N PHE A 170 7.62 -7.17 -9.76
CA PHE A 170 7.36 -8.13 -10.84
C PHE A 170 5.85 -8.26 -11.02
N ARG A 171 5.38 -8.01 -12.22
CA ARG A 171 3.96 -8.05 -12.49
C ARG A 171 3.70 -9.47 -12.96
N ALA A 172 2.57 -10.02 -12.60
CA ALA A 172 2.26 -11.39 -12.98
C ALA A 172 0.78 -11.62 -12.95
N HIS A 173 0.38 -12.81 -13.38
CA HIS A 173 -0.99 -13.25 -13.23
C HIS A 173 -1.07 -14.24 -12.10
N LYS A 174 -1.97 -14.00 -11.15
CA LYS A 174 -2.08 -14.81 -9.98
C LYS A 174 -2.28 -16.26 -10.32
N THR A 175 -3.04 -16.47 -11.39
CA THR A 175 -3.41 -17.81 -11.77
C THR A 175 -2.20 -18.62 -12.17
N VAL A 176 -1.27 -17.98 -12.84
CA VAL A 176 -0.04 -18.70 -13.24
C VAL A 176 0.86 -18.99 -12.05
N LEU A 177 0.97 -18.01 -11.16
CA LEU A 177 1.75 -18.18 -9.95
C LEU A 177 1.22 -19.40 -9.16
N MET A 178 -0.08 -19.43 -8.98
CA MET A 178 -0.74 -20.44 -8.21
C MET A 178 -0.55 -21.78 -8.87
N ALA A 179 -0.57 -21.80 -10.17
CA ALA A 179 -0.34 -23.06 -10.90
C ALA A 179 1.03 -23.66 -10.69
N CYS A 180 2.03 -22.84 -10.44
CA CYS A 180 3.44 -23.27 -10.39
C CYS A 180 4.09 -23.30 -9.00
N SER A 181 3.45 -22.73 -7.96
CA SER A 181 4.07 -22.54 -6.65
C SER A 181 3.11 -22.78 -5.52
N GLY A 182 3.45 -23.73 -4.68
CA GLY A 182 2.68 -24.00 -3.44
C GLY A 182 2.59 -22.79 -2.53
N LEU A 183 3.62 -21.97 -2.50
CA LEU A 183 3.56 -20.81 -1.63
C LEU A 183 2.47 -19.85 -2.15
N PHE A 184 2.48 -19.61 -3.45
CA PHE A 184 1.47 -18.71 -4.01
C PHE A 184 0.08 -19.26 -3.90
N TYR A 185 -0.04 -20.57 -4.00
CA TYR A 185 -1.33 -21.19 -3.79
C TYR A 185 -1.85 -20.76 -2.42
N SER A 186 -1.02 -20.91 -1.40
CA SER A 186 -1.44 -20.63 0.00
C SER A 186 -1.72 -19.17 0.22
N ILE A 187 -0.89 -18.31 -0.33
CA ILE A 187 -1.15 -16.86 -0.25
C ILE A 187 -2.50 -16.50 -0.89
N PHE A 188 -2.77 -17.03 -2.07
CA PHE A 188 -3.99 -16.63 -2.83
C PHE A 188 -5.29 -17.28 -2.34
N THR A 189 -5.18 -18.31 -1.51
CA THR A 189 -6.36 -18.90 -0.87
C THR A 189 -6.52 -18.48 0.62
N ASP A 190 -5.69 -17.59 1.09
CA ASP A 190 -5.81 -17.05 2.45
C ASP A 190 -6.79 -15.89 2.43
N GLN A 191 -7.78 -15.95 3.32
CA GLN A 191 -8.88 -15.02 3.36
C GLN A 191 -8.47 -13.56 3.65
N LEU A 192 -7.33 -13.36 4.31
CA LEU A 192 -6.79 -12.03 4.54
C LEU A 192 -5.85 -11.52 3.44
N LYS A 193 -5.40 -12.39 2.54
CA LYS A 193 -4.48 -11.96 1.47
C LYS A 193 -4.97 -12.12 0.03
N CYS A 194 -6.01 -12.91 -0.16
CA CYS A 194 -6.48 -13.27 -1.53
C CYS A 194 -6.81 -12.09 -2.43
N ASN A 195 -7.24 -10.98 -1.83
CA ASN A 195 -7.63 -9.79 -2.62
C ASN A 195 -6.58 -8.67 -2.71
N LEU A 196 -5.41 -8.90 -2.15
CA LEU A 196 -4.32 -7.92 -2.27
C LEU A 196 -3.78 -7.90 -3.71
N SER A 197 -3.47 -6.71 -4.18
CA SER A 197 -2.93 -6.54 -5.51
C SER A 197 -1.41 -6.44 -5.45
N VAL A 198 -0.87 -6.30 -4.24
CA VAL A 198 0.58 -6.21 -4.02
C VAL A 198 0.97 -7.25 -2.98
N ILE A 199 1.97 -8.05 -3.29
CA ILE A 199 2.44 -9.11 -2.38
C ILE A 199 3.92 -8.87 -2.17
N ASN A 200 4.26 -8.58 -0.93
CA ASN A 200 5.64 -8.36 -0.49
C ASN A 200 6.23 -9.66 0.02
N LEU A 201 7.30 -10.14 -0.62
CA LEU A 201 7.93 -11.36 -0.19
C LEU A 201 8.91 -11.01 0.91
N ASP A 202 9.35 -12.00 1.68
CA ASP A 202 10.39 -11.77 2.70
C ASP A 202 11.56 -11.01 2.06
N PRO A 203 12.10 -10.02 2.79
CA PRO A 203 13.17 -9.22 2.18
C PRO A 203 14.53 -9.92 2.08
N GLU A 204 14.63 -11.09 2.68
CA GLU A 204 15.82 -11.90 2.50
C GLU A 204 15.90 -12.49 1.06
N ILE A 205 14.75 -12.56 0.38
CA ILE A 205 14.70 -13.21 -0.94
C ILE A 205 15.44 -12.42 -2.00
N ASN A 206 16.29 -13.12 -2.73
CA ASN A 206 17.04 -12.55 -3.81
C ASN A 206 16.13 -12.26 -5.01
N PRO A 207 16.04 -10.99 -5.43
CA PRO A 207 15.28 -10.63 -6.62
C PRO A 207 15.68 -11.35 -7.90
N GLU A 208 16.97 -11.50 -8.15
CA GLU A 208 17.42 -12.15 -9.38
C GLU A 208 16.93 -13.60 -9.40
N GLY A 209 17.03 -14.27 -8.27
CA GLY A 209 16.54 -15.64 -8.14
C GLY A 209 15.05 -15.70 -8.47
N PHE A 210 14.31 -14.74 -7.96
CA PHE A 210 12.87 -14.74 -8.17
C PHE A 210 12.53 -14.54 -9.63
N CYS A 211 13.21 -13.60 -10.24
CA CYS A 211 13.03 -13.27 -11.67
C CYS A 211 13.26 -14.47 -12.57
N ILE A 212 14.28 -15.25 -12.26
CA ILE A 212 14.58 -16.44 -12.98
C ILE A 212 13.49 -17.49 -12.82
N LEU A 213 12.95 -17.59 -11.62
CA LEU A 213 11.88 -18.56 -11.37
C LEU A 213 10.56 -18.15 -12.04
N LEU A 214 10.27 -16.86 -11.97
CA LEU A 214 9.11 -16.31 -12.63
C LEU A 214 9.18 -16.52 -14.14
N ASP A 215 10.33 -16.25 -14.74
CA ASP A 215 10.51 -16.63 -16.14
C ASP A 215 10.28 -18.10 -16.40
N PHE A 216 10.81 -18.93 -15.51
CA PHE A 216 10.62 -20.34 -15.69
C PHE A 216 9.13 -20.70 -15.74
N MET A 217 8.36 -20.12 -14.83
CA MET A 217 6.92 -20.38 -14.76
C MET A 217 6.19 -20.12 -16.07
N TYR A 218 6.57 -19.06 -16.72
CA TYR A 218 5.95 -18.60 -17.97
C TYR A 218 6.56 -19.16 -19.27
N THR A 219 7.72 -19.80 -19.21
CA THR A 219 8.42 -20.26 -20.43
C THR A 219 8.89 -21.69 -20.44
N SER A 220 8.95 -22.33 -19.28
CA SER A 220 9.50 -23.69 -19.18
C SER A 220 11.01 -23.73 -19.25
N ARG A 221 11.64 -22.58 -19.28
CA ARG A 221 13.11 -22.53 -19.36
C ARG A 221 13.66 -21.98 -18.08
N LEU A 222 14.59 -22.71 -17.51
CA LEU A 222 15.26 -22.32 -16.27
C LEU A 222 16.69 -21.90 -16.57
N ASN A 223 16.90 -20.60 -16.56
CA ASN A 223 18.20 -20.05 -16.94
C ASN A 223 19.20 -20.01 -15.78
N LEU A 224 19.75 -21.17 -15.47
CA LEU A 224 20.78 -21.31 -14.46
C LEU A 224 22.17 -20.89 -14.98
N ARG A 225 22.88 -20.11 -14.17
CA ARG A 225 24.30 -19.73 -14.38
C ARG A 225 25.04 -20.06 -13.05
N GLU A 226 26.36 -20.29 -13.10
CA GLU A 226 27.13 -20.74 -11.90
C GLU A 226 27.00 -19.80 -10.70
N GLY A 227 26.95 -18.50 -11.00
CA GLY A 227 26.82 -17.48 -9.97
C GLY A 227 25.45 -17.30 -9.36
N ASN A 228 24.42 -17.89 -9.96
CA ASN A 228 23.02 -17.72 -9.49
C ASN A 228 22.41 -19.01 -8.92
N ILE A 229 23.09 -20.13 -9.03
CA ILE A 229 22.43 -21.43 -8.76
C ILE A 229 21.95 -21.53 -7.32
N MET A 230 22.75 -21.03 -6.39
CA MET A 230 22.44 -21.18 -4.97
C MET A 230 21.23 -20.33 -4.56
N ALA A 231 21.14 -19.13 -5.12
CA ALA A 231 20.03 -18.22 -4.95
C ALA A 231 18.75 -18.75 -5.60
N VAL A 232 18.87 -19.34 -6.77
CA VAL A 232 17.73 -19.90 -7.44
C VAL A 232 17.21 -21.09 -6.67
N MET A 233 18.12 -21.97 -6.27
CA MET A 233 17.75 -23.13 -5.50
C MET A 233 16.99 -22.76 -4.21
N ALA A 234 17.51 -21.76 -3.52
CA ALA A 234 16.93 -21.34 -2.25
C ALA A 234 15.56 -20.73 -2.51
N THR A 235 15.48 -19.89 -3.54
CA THR A 235 14.23 -19.24 -3.88
C THR A 235 13.19 -20.27 -4.25
N ALA A 236 13.61 -21.33 -4.92
CA ALA A 236 12.67 -22.38 -5.35
C ALA A 236 12.14 -23.16 -4.17
N MET A 237 13.01 -23.34 -3.19
CA MET A 237 12.65 -24.05 -1.96
C MET A 237 11.55 -23.25 -1.23
N TYR A 238 11.83 -21.98 -1.03
CA TYR A 238 10.86 -21.04 -0.44
C TYR A 238 9.51 -21.00 -1.21
N LEU A 239 9.58 -20.99 -2.53
CA LEU A 239 8.36 -20.98 -3.37
C LEU A 239 7.70 -22.34 -3.48
N GLN A 240 8.35 -23.35 -2.90
CA GLN A 240 7.86 -24.72 -2.87
C GLN A 240 7.74 -25.35 -4.24
N MET A 241 8.76 -25.11 -5.07
CA MET A 241 8.85 -25.75 -6.40
CA MET A 241 8.85 -25.75 -6.40
C MET A 241 9.88 -26.88 -6.41
N GLU A 242 9.48 -28.09 -5.99
CA GLU A 242 10.43 -29.16 -5.66
C GLU A 242 11.16 -29.66 -6.88
N HIS A 243 10.49 -29.72 -8.02
CA HIS A 243 11.20 -30.21 -9.15
C HIS A 243 12.31 -29.27 -9.62
N VAL A 244 12.11 -27.98 -9.45
CA VAL A 244 13.18 -27.03 -9.77
C VAL A 244 14.36 -27.14 -8.78
N VAL A 245 14.03 -27.38 -7.52
CA VAL A 245 15.05 -27.57 -6.49
C VAL A 245 15.94 -28.72 -6.90
N ASP A 246 15.32 -29.83 -7.29
CA ASP A 246 16.05 -31.02 -7.75
C ASP A 246 16.92 -30.74 -8.96
N THR A 247 16.39 -29.98 -9.89
CA THR A 247 17.15 -29.65 -11.09
C THR A 247 18.36 -28.77 -10.76
N CYS A 248 18.19 -27.86 -9.84
CA CYS A 248 19.33 -27.07 -9.36
C CYS A 248 20.40 -27.96 -8.72
N ARG A 249 19.95 -28.90 -7.94
CA ARG A 249 20.85 -29.80 -7.26
C ARG A 249 21.69 -30.54 -8.27
N LYS A 250 21.04 -31.05 -9.31
CA LYS A 250 21.72 -31.82 -10.34
C LYS A 250 22.78 -30.98 -11.05
N PHE A 251 22.49 -29.71 -11.27
CA PHE A 251 23.43 -28.78 -11.94
C PHE A 251 24.69 -28.52 -11.11
N ILE A 252 24.54 -28.57 -9.80
CA ILE A 252 25.68 -28.41 -8.89
C ILE A 252 26.67 -29.60 -8.98
N LYS A 253 26.10 -30.80 -9.02
CA LYS A 253 26.69 -32.12 -9.37
C LYS A 253 26.95 -32.44 -10.87
N ALA A 254 26.79 -31.49 -11.80
CA ALA A 254 27.25 -31.69 -13.20
C ALA A 254 28.02 -30.52 -13.82
N LEU B 3 -0.29 -2.53 -28.25
CA LEU B 3 -1.11 -2.71 -27.00
C LEU B 3 -0.25 -3.19 -25.84
N GLY B 4 -0.58 -2.73 -24.63
CA GLY B 4 0.29 -2.87 -23.46
C GLY B 4 1.54 -2.02 -23.62
N SER B 5 2.46 -2.06 -22.65
CA SER B 5 3.61 -1.13 -22.68
C SER B 5 4.98 -1.81 -22.48
N ASP B 6 6.00 -1.16 -23.03
CA ASP B 6 7.37 -1.65 -22.93
C ASP B 6 8.00 -1.22 -21.58
N PHE B 7 7.88 0.05 -21.17
CA PHE B 7 8.22 0.48 -19.80
C PHE B 7 6.96 0.98 -19.09
N PRO B 8 6.10 0.06 -18.67
CA PRO B 8 4.80 0.50 -18.11
C PRO B 8 4.88 1.22 -16.75
N GLN B 9 6.01 1.17 -16.06
CA GLN B 9 6.15 1.96 -14.82
C GLN B 9 6.83 3.31 -14.98
N HIS B 10 7.22 3.66 -16.21
CA HIS B 10 8.04 4.84 -16.40
C HIS B 10 7.34 6.12 -15.98
N SER B 11 6.07 6.28 -16.40
CA SER B 11 5.38 7.53 -16.09
C SER B 11 5.18 7.70 -14.58
N GLN B 12 5.02 6.60 -13.89
CA GLN B 12 4.84 6.61 -12.43
C GLN B 12 6.15 7.02 -11.78
N HIS B 13 7.26 6.51 -12.30
CA HIS B 13 8.58 6.85 -11.77
C HIS B 13 8.80 8.33 -11.93
N VAL B 14 8.44 8.86 -13.09
CA VAL B 14 8.60 10.29 -13.36
C VAL B 14 7.78 11.14 -12.38
N LEU B 15 6.55 10.80 -12.23
CA LEU B 15 5.69 11.52 -11.26
C LEU B 15 6.24 11.52 -9.82
N GLU B 16 6.70 10.38 -9.37
CA GLU B 16 7.33 10.32 -8.00
C GLU B 16 8.56 11.23 -7.93
N GLN B 17 9.36 11.23 -8.98
CA GLN B 17 10.51 12.10 -9.01
C GLN B 17 10.12 13.58 -9.02
N LEU B 18 9.07 13.92 -9.78
CA LEU B 18 8.57 15.31 -9.75
C LEU B 18 8.09 15.72 -8.34
N ASN B 19 7.47 14.78 -7.66
CA ASN B 19 7.05 15.04 -6.27
C ASN B 19 8.24 15.17 -5.32
N GLN B 20 9.26 14.34 -5.49
CA GLN B 20 10.56 14.51 -4.73
C GLN B 20 11.12 15.90 -4.93
N GLN B 21 11.19 16.30 -6.20
CA GLN B 21 11.65 17.68 -6.49
C GLN B 21 10.85 18.73 -5.76
N ARG B 22 9.53 18.62 -5.84
CA ARG B 22 8.66 19.63 -5.16
C ARG B 22 8.91 19.71 -3.64
N GLN B 23 9.02 18.56 -3.00
CA GLN B 23 9.30 18.52 -1.57
C GLN B 23 10.63 19.19 -1.21
N LEU B 24 11.63 19.07 -2.08
CA LEU B 24 12.92 19.72 -1.88
C LEU B 24 13.05 21.13 -2.50
N GLY B 25 12.01 21.60 -3.18
CA GLY B 25 12.05 22.89 -3.84
C GLY B 25 12.87 22.93 -5.12
N LEU B 26 13.31 21.77 -5.58
CA LEU B 26 14.19 21.73 -6.76
C LEU B 26 13.41 22.11 -8.02
N LEU B 27 14.00 23.03 -8.76
CA LEU B 27 13.48 23.56 -10.04
C LEU B 27 12.09 24.16 -9.93
N CYS B 28 11.60 24.37 -8.72
CA CYS B 28 10.26 24.95 -8.53
C CYS B 28 10.34 26.43 -8.90
N ASP B 29 9.49 26.84 -9.81
CA ASP B 29 9.49 28.18 -10.40
C ASP B 29 8.15 28.86 -10.14
N CYS B 30 7.39 28.31 -9.20
CA CYS B 30 6.07 28.84 -8.85
C CYS B 30 5.84 28.67 -7.35
N THR B 31 5.44 29.72 -6.65
CA THR B 31 5.10 29.62 -5.21
C THR B 31 3.69 30.18 -4.95
N PHE B 32 2.88 29.44 -4.23
CA PHE B 32 1.57 29.88 -3.78
C PHE B 32 1.64 30.10 -2.27
N VAL B 33 1.14 31.22 -1.82
CA VAL B 33 1.08 31.51 -0.40
C VAL B 33 -0.39 31.61 -0.08
N VAL B 34 -0.87 30.63 0.67
CA VAL B 34 -2.30 30.48 0.95
C VAL B 34 -2.54 30.40 2.44
N ASP B 35 -3.26 31.40 2.96
CA ASP B 35 -3.31 31.66 4.38
C ASP B 35 -1.84 32.05 4.62
N GLY B 36 -1.16 31.38 5.54
CA GLY B 36 0.29 31.58 5.65
C GLY B 36 1.16 30.48 5.05
N VAL B 37 0.56 29.56 4.31
CA VAL B 37 1.27 28.34 3.95
C VAL B 37 1.85 28.47 2.55
N HIS B 38 3.13 28.14 2.44
CA HIS B 38 3.87 28.22 1.17
C HIS B 38 3.80 26.86 0.47
N PHE B 39 3.43 26.89 -0.79
CA PHE B 39 3.39 25.71 -1.64
C PHE B 39 4.25 25.97 -2.85
N LYS B 40 5.31 25.21 -2.99
CA LYS B 40 6.19 25.33 -4.16
C LYS B 40 5.68 24.36 -5.25
N ALA B 41 5.89 24.72 -6.52
CA ALA B 41 5.42 23.88 -7.63
C ALA B 41 6.13 24.23 -8.90
N HIS B 42 5.93 23.40 -9.90
CA HIS B 42 6.61 23.59 -11.21
C HIS B 42 5.53 24.03 -12.16
N LYS B 43 5.74 25.14 -12.83
CA LYS B 43 4.74 25.61 -13.83
C LYS B 43 4.38 24.59 -14.85
N ALA B 44 5.39 23.94 -15.38
CA ALA B 44 5.17 22.91 -16.38
C ALA B 44 4.24 21.78 -15.86
N VAL B 45 4.41 21.40 -14.61
CA VAL B 45 3.61 20.29 -14.08
C VAL B 45 2.16 20.79 -13.91
N LEU B 46 2.01 21.95 -13.31
CA LEU B 46 0.68 22.59 -13.17
C LEU B 46 -0.03 22.74 -14.51
N ALA B 47 0.72 23.19 -15.51
CA ALA B 47 0.19 23.34 -16.86
C ALA B 47 -0.23 22.04 -17.42
N ALA B 48 0.49 20.99 -17.06
CA ALA B 48 0.19 19.67 -17.55
C ALA B 48 -1.07 19.05 -16.92
N CYS B 49 -1.48 19.58 -15.77
CA CYS B 49 -2.65 19.05 -15.03
C CYS B 49 -3.90 19.90 -15.10
N SER B 50 -3.73 21.16 -15.48
CA SER B 50 -4.83 22.14 -15.49
C SER B 50 -4.75 23.10 -16.67
N GLU B 51 -5.83 23.13 -17.44
CA GLU B 51 -5.98 24.06 -18.57
C GLU B 51 -5.85 25.52 -18.10
N TYR B 52 -6.45 25.82 -16.96
CA TYR B 52 -6.31 27.11 -16.34
C TYR B 52 -4.86 27.51 -16.05
N PHE B 53 -4.07 26.63 -15.43
CA PHE B 53 -2.67 26.99 -15.17
C PHE B 53 -1.85 27.12 -16.45
N LYS B 54 -2.17 26.29 -17.43
CA LYS B 54 -1.47 26.34 -18.71
C LYS B 54 -1.68 27.70 -19.42
N MET B 55 -2.94 28.15 -19.46
CA MET B 55 -3.29 29.48 -20.01
C MET B 55 -2.62 30.57 -19.19
N LEU B 56 -2.73 30.46 -17.87
CA LEU B 56 -2.09 31.44 -16.99
C LEU B 56 -0.58 31.56 -17.19
N PHE B 57 0.11 30.45 -17.43
CA PHE B 57 1.58 30.50 -17.45
C PHE B 57 2.22 30.71 -18.82
N VAL B 58 1.50 30.36 -19.87
CA VAL B 58 1.88 30.82 -21.20
C VAL B 58 1.79 32.34 -21.28
N ASP B 59 0.63 32.87 -20.86
CA ASP B 59 0.33 34.34 -20.85
C ASP B 59 1.06 35.15 -19.79
N GLN B 60 1.78 34.48 -18.90
CA GLN B 60 2.56 35.17 -17.85
C GLN B 60 3.96 34.54 -17.68
N LYS B 61 4.90 35.27 -17.12
CA LYS B 61 6.26 34.74 -16.86
C LYS B 61 7.13 35.72 -16.05
N VAL B 64 7.41 33.41 -10.52
CA VAL B 64 6.03 33.68 -10.12
C VAL B 64 5.70 33.35 -8.67
N HIS B 65 4.90 34.21 -8.08
CA HIS B 65 4.58 34.16 -6.67
C HIS B 65 3.15 34.64 -6.59
N LEU B 66 2.29 33.85 -5.96
CA LEU B 66 0.87 34.16 -5.92
C LEU B 66 0.33 34.10 -4.49
N ASP B 67 -0.16 35.23 -3.99
CA ASP B 67 -0.87 35.33 -2.69
C ASP B 67 -2.38 35.11 -2.85
N ILE B 68 -2.91 34.10 -2.18
CA ILE B 68 -4.32 33.81 -2.31
C ILE B 68 -4.97 33.75 -0.94
N SER B 69 -6.18 34.29 -0.84
CA SER B 69 -6.88 34.51 0.46
C SER B 69 -7.49 33.24 1.04
N ASN B 70 -8.46 32.69 0.31
CA ASN B 70 -9.24 31.53 0.76
C ASN B 70 -9.24 30.41 -0.29
N ALA B 71 -8.24 29.54 -0.17
CA ALA B 71 -8.07 28.43 -1.08
C ALA B 71 -7.66 27.21 -0.24
N ALA B 72 -8.52 26.97 0.74
CA ALA B 72 -8.32 25.94 1.77
C ALA B 72 -7.97 24.53 1.18
N GLY B 73 -8.60 24.20 0.04
CA GLY B 73 -8.36 22.95 -0.72
C GLY B 73 -7.24 22.86 -1.76
N LEU B 74 -6.44 23.91 -1.90
CA LEU B 74 -5.39 23.95 -2.90
C LEU B 74 -4.29 22.95 -2.59
N GLY B 75 -3.91 22.85 -1.33
CA GLY B 75 -2.93 21.83 -0.88
C GLY B 75 -3.31 20.42 -1.31
N GLN B 76 -4.57 20.06 -1.19
CA GLN B 76 -5.04 18.71 -1.63
C GLN B 76 -4.96 18.58 -3.14
N VAL B 77 -5.34 19.65 -3.86
CA VAL B 77 -5.29 19.58 -5.35
C VAL B 77 -3.85 19.47 -5.85
N LEU B 78 -2.94 20.18 -5.24
CA LEU B 78 -1.52 20.05 -5.58
C LEU B 78 -1.03 18.64 -5.31
N GLU B 79 -1.43 18.13 -4.17
CA GLU B 79 -1.05 16.79 -3.75
C GLU B 79 -1.54 15.77 -4.77
N PHE B 80 -2.76 15.92 -5.20
CA PHE B 80 -3.24 15.08 -6.31
C PHE B 80 -2.38 15.23 -7.58
N MET B 81 -2.00 16.45 -7.96
CA MET B 81 -1.27 16.64 -9.19
C MET B 81 0.05 15.92 -9.20
N TYR B 82 0.68 15.91 -8.05
CA TYR B 82 2.01 15.32 -7.85
C TYR B 82 2.05 13.88 -7.36
N THR B 83 0.92 13.32 -6.95
CA THR B 83 0.84 11.92 -6.48
C THR B 83 -0.24 11.05 -7.10
N ALA B 84 -1.22 11.63 -7.77
CA ALA B 84 -2.37 10.91 -8.31
C ALA B 84 -3.33 10.45 -7.22
N LYS B 85 -3.06 10.82 -5.99
CA LYS B 85 -3.95 10.47 -4.84
C LYS B 85 -4.72 11.73 -4.42
N LEU B 86 -6.01 11.58 -4.29
CA LEU B 86 -6.89 12.60 -3.78
C LEU B 86 -7.53 12.07 -2.50
N SER B 87 -7.31 12.77 -1.40
CA SER B 87 -7.94 12.41 -0.11
C SER B 87 -9.04 13.38 0.25
N LEU B 88 -10.27 12.90 0.14
CA LEU B 88 -11.47 13.69 0.49
C LEU B 88 -12.05 13.27 1.83
N SER B 89 -12.58 14.26 2.52
CA SER B 89 -13.22 14.04 3.82
C SER B 89 -14.36 14.98 3.89
N PRO B 90 -15.31 14.76 4.83
CA PRO B 90 -16.46 15.68 4.92
C PRO B 90 -15.99 17.10 5.22
N GLU B 91 -14.85 17.22 5.89
CA GLU B 91 -14.29 18.54 6.24
C GLU B 91 -13.69 19.31 5.07
N ASN B 92 -13.21 18.63 4.03
CA ASN B 92 -12.47 19.32 2.99
C ASN B 92 -13.13 19.27 1.63
N VAL B 93 -14.19 18.50 1.51
CA VAL B 93 -14.71 18.24 0.19
C VAL B 93 -15.20 19.49 -0.57
N ASP B 94 -15.85 20.39 0.14
CA ASP B 94 -16.41 21.64 -0.50
C ASP B 94 -15.27 22.60 -0.94
N ASP B 95 -14.31 22.77 -0.05
CA ASP B 95 -13.08 23.48 -0.36
C ASP B 95 -12.35 22.88 -1.58
N VAL B 96 -12.18 21.55 -1.62
CA VAL B 96 -11.50 20.95 -2.77
C VAL B 96 -12.34 21.19 -4.04
N LEU B 97 -13.65 21.03 -3.91
CA LEU B 97 -14.58 21.17 -5.06
C LEU B 97 -14.56 22.58 -5.65
N ALA B 98 -14.50 23.56 -4.76
CA ALA B 98 -14.39 24.98 -5.17
C ALA B 98 -13.10 25.23 -5.95
N VAL B 99 -11.99 24.72 -5.43
CA VAL B 99 -10.72 24.91 -6.14
C VAL B 99 -10.73 24.20 -7.49
N ALA B 100 -11.25 22.99 -7.51
CA ALA B 100 -11.24 22.19 -8.72
C ALA B 100 -12.14 22.76 -9.80
N THR B 101 -13.20 23.40 -9.37
CA THR B 101 -14.11 24.09 -10.27
C THR B 101 -13.39 25.28 -10.94
N PHE B 102 -12.82 26.13 -10.11
CA PHE B 102 -12.01 27.21 -10.60
C PHE B 102 -10.92 26.77 -11.58
N LEU B 103 -10.29 25.64 -11.33
CA LEU B 103 -9.17 25.20 -12.18
C LEU B 103 -9.60 24.34 -13.34
N GLN B 104 -10.92 24.14 -13.42
CA GLN B 104 -11.52 23.27 -14.42
C GLN B 104 -10.94 21.84 -14.40
N MET B 105 -10.76 21.27 -13.21
CA MET B 105 -10.22 19.90 -13.11
C MET B 105 -11.35 18.90 -12.89
N GLN B 106 -11.80 18.33 -14.00
CA GLN B 106 -13.06 17.54 -14.08
C GLN B 106 -13.06 16.26 -13.27
N ASP B 107 -11.95 15.55 -13.34
CA ASP B 107 -11.69 14.38 -12.49
C ASP B 107 -11.93 14.70 -10.99
N ILE B 108 -11.35 15.81 -10.52
CA ILE B 108 -11.52 16.19 -9.12
C ILE B 108 -12.95 16.61 -8.82
N ILE B 109 -13.55 17.34 -9.74
CA ILE B 109 -14.93 17.80 -9.57
C ILE B 109 -15.89 16.63 -9.38
N THR B 110 -15.77 15.67 -10.27
CA THR B 110 -16.58 14.45 -10.22
C THR B 110 -16.31 13.64 -8.93
N ALA B 111 -15.05 13.53 -8.52
CA ALA B 111 -14.74 12.82 -7.27
C ALA B 111 -15.47 13.46 -6.13
N CYS B 112 -15.46 14.79 -6.08
CA CYS B 112 -16.13 15.49 -4.99
C CYS B 112 -17.65 15.22 -5.01
N HIS B 113 -18.24 15.29 -6.18
CA HIS B 113 -19.68 15.01 -6.30
C HIS B 113 -19.96 13.55 -5.92
N ALA B 114 -19.11 12.65 -6.35
CA ALA B 114 -19.22 11.21 -5.98
C ALA B 114 -19.20 11.02 -4.47
N LEU B 115 -18.29 11.71 -3.80
CA LEU B 115 -18.24 11.60 -2.36
C LEU B 115 -19.55 12.10 -1.72
N LYS B 116 -19.99 13.26 -2.14
CA LYS B 116 -21.22 13.82 -1.59
C LYS B 116 -22.45 12.98 -1.91
N SER B 117 -22.45 12.32 -3.06
CA SER B 117 -23.55 11.41 -3.42
C SER B 117 -23.74 10.29 -2.40
N LEU B 118 -22.71 10.03 -1.61
CA LEU B 118 -22.82 9.01 -0.57
C LEU B 118 -23.74 9.38 0.61
N ALA B 119 -23.97 10.67 0.81
CA ALA B 119 -24.91 11.15 1.87
C ALA B 119 -26.37 11.38 1.40
N GLY B 130 -21.57 14.73 4.61
CA GLY B 130 -21.71 13.33 4.95
C GLY B 130 -20.75 12.85 6.03
N THR B 131 -20.50 11.55 6.04
CA THR B 131 -19.70 10.88 7.07
C THR B 131 -18.65 9.87 6.53
N ALA B 132 -18.31 10.00 5.25
CA ALA B 132 -17.31 9.14 4.62
C ALA B 132 -16.05 9.89 4.21
N ASP B 133 -14.92 9.30 4.47
CA ASP B 133 -13.67 9.75 3.88
C ASP B 133 -13.39 8.87 2.69
N SER B 134 -12.72 9.43 1.71
CA SER B 134 -12.31 8.66 0.61
C SER B 134 -10.95 9.04 0.15
N CYS B 135 -10.15 8.02 -0.08
CA CYS B 135 -8.84 8.19 -0.69
C CYS B 135 -8.88 7.58 -2.08
N ILE B 136 -8.80 8.42 -3.09
CA ILE B 136 -8.95 7.99 -4.45
C ILE B 136 -7.63 8.04 -5.19
N GLN B 137 -7.34 6.98 -5.89
CA GLN B 137 -6.09 6.88 -6.62
C GLN B 137 -6.40 6.78 -8.11
N PHE B 138 -5.92 7.75 -8.86
CA PHE B 138 -6.22 7.83 -10.29
C PHE B 138 -5.10 7.19 -11.07
N THR B 139 -5.33 5.97 -11.53
CA THR B 139 -4.23 5.13 -12.02
C THR B 139 -3.69 5.56 -13.38
N ARG B 140 -4.44 6.39 -14.10
CA ARG B 140 -4.01 6.92 -15.40
C ARG B 140 -3.38 8.30 -15.28
N HIS B 141 -3.35 8.87 -14.09
CA HIS B 141 -2.92 10.24 -13.95
C HIS B 141 -1.42 10.43 -14.35
N ALA B 142 -0.55 9.58 -13.84
CA ALA B 142 0.88 9.76 -14.09
C ALA B 142 1.13 9.75 -15.61
N SER B 143 0.49 8.80 -16.31
CA SER B 143 0.55 8.78 -17.77
C SER B 143 -0.01 10.04 -18.44
N ASP B 144 -1.10 10.58 -17.90
CA ASP B 144 -1.71 11.79 -18.45
C ASP B 144 -0.76 12.96 -18.30
N VAL B 145 -0.16 13.07 -17.13
CA VAL B 145 0.78 14.15 -16.86
C VAL B 145 1.95 14.08 -17.86
N LEU B 146 2.52 12.91 -18.03
CA LEU B 146 3.68 12.76 -18.91
C LEU B 146 3.27 13.06 -20.38
N LEU B 147 2.09 12.61 -20.76
CA LEU B 147 1.54 12.86 -22.10
C LEU B 147 1.37 14.36 -22.33
N ASN B 148 0.82 15.03 -21.33
CA ASN B 148 0.70 16.47 -21.43
C ASN B 148 2.01 17.20 -21.36
N LEU B 149 2.98 16.70 -20.59
CA LEU B 149 4.30 17.35 -20.63
C LEU B 149 4.92 17.24 -22.08
N ASN B 150 4.72 16.12 -22.71
CA ASN B 150 5.23 15.93 -24.04
C ASN B 150 4.52 16.85 -25.04
N ARG B 151 3.23 17.03 -24.86
CA ARG B 151 2.50 17.99 -25.70
C ARG B 151 3.05 19.36 -25.50
N LEU B 152 3.30 19.73 -24.24
CA LEU B 152 3.94 21.02 -24.00
C LEU B 152 5.26 21.08 -24.76
N ARG B 153 6.05 20.01 -24.70
CA ARG B 153 7.37 20.02 -25.35
C ARG B 153 7.24 20.20 -26.87
N SER B 154 6.34 19.47 -27.49
CA SER B 154 6.01 19.63 -28.93
C SER B 154 5.75 21.07 -29.37
N ARG B 155 5.04 21.83 -28.57
CA ARG B 155 4.63 23.19 -28.92
C ARG B 155 5.54 24.22 -28.26
N ASP B 156 6.62 23.73 -27.69
CA ASP B 156 7.62 24.57 -27.02
C ASP B 156 7.10 25.43 -25.86
N ILE B 157 6.13 24.86 -25.14
CA ILE B 157 5.51 25.61 -24.03
C ILE B 157 6.19 25.31 -22.71
N LEU B 158 6.64 26.37 -22.06
CA LEU B 158 7.31 26.32 -20.75
C LEU B 158 8.63 25.54 -20.70
N THR B 159 9.16 25.18 -21.86
CA THR B 159 10.52 24.66 -21.94
C THR B 159 11.46 25.74 -21.47
N ASP B 160 12.46 25.34 -20.71
CA ASP B 160 13.37 26.29 -20.06
C ASP B 160 14.84 25.92 -20.28
N VAL B 161 15.10 24.99 -21.17
CA VAL B 161 16.48 24.65 -21.48
C VAL B 161 16.59 24.15 -22.89
N VAL B 162 17.78 24.36 -23.49
CA VAL B 162 18.16 23.73 -24.77
C VAL B 162 19.36 22.84 -24.48
N ILE B 163 19.26 21.59 -24.91
CA ILE B 163 20.34 20.65 -24.80
C ILE B 163 21.01 20.58 -26.18
N VAL B 164 22.32 20.84 -26.18
CA VAL B 164 23.12 20.87 -27.40
C VAL B 164 24.00 19.66 -27.47
N VAL B 165 23.81 18.89 -28.51
CA VAL B 165 24.60 17.71 -28.77
C VAL B 165 25.26 17.88 -30.13
N SER B 166 26.55 18.22 -30.11
CA SER B 166 27.32 18.55 -31.32
C SER B 166 26.60 19.69 -32.09
N ARG B 167 26.02 19.35 -33.24
CA ARG B 167 25.32 20.36 -34.04
C ARG B 167 23.88 20.57 -33.52
N GLU B 168 23.23 19.47 -33.17
CA GLU B 168 21.79 19.44 -32.86
C GLU B 168 21.38 20.02 -31.51
N GLN B 169 20.15 20.53 -31.50
CA GLN B 169 19.59 21.25 -30.38
C GLN B 169 18.25 20.60 -30.03
N PHE B 170 17.99 20.46 -28.73
CA PHE B 170 16.76 19.86 -28.22
C PHE B 170 16.21 20.70 -27.07
N ARG B 171 14.98 21.15 -27.20
CA ARG B 171 14.32 21.93 -26.16
C ARG B 171 13.68 20.94 -25.18
N ALA B 172 13.66 21.29 -23.92
CA ALA B 172 13.10 20.37 -22.93
C ALA B 172 12.76 21.10 -21.68
N HIS B 173 12.15 20.37 -20.75
CA HIS B 173 11.90 20.93 -19.41
C HIS B 173 12.95 20.34 -18.46
N LYS B 174 13.69 21.19 -17.77
CA LYS B 174 14.68 20.73 -16.82
C LYS B 174 14.15 19.70 -15.84
N THR B 175 12.93 19.92 -15.36
CA THR B 175 12.33 19.07 -14.35
C THR B 175 12.15 17.64 -14.82
N VAL B 176 11.77 17.46 -16.08
CA VAL B 176 11.65 16.12 -16.66
C VAL B 176 13.03 15.46 -16.82
N LEU B 177 14.00 16.21 -17.32
CA LEU B 177 15.38 15.68 -17.53
C LEU B 177 15.96 15.21 -16.19
N MET B 178 15.78 16.00 -15.16
CA MET B 178 16.25 15.69 -13.80
C MET B 178 15.56 14.45 -13.28
N ALA B 179 14.29 14.32 -13.58
CA ALA B 179 13.53 13.16 -13.14
C ALA B 179 14.03 11.86 -13.71
N CYS B 180 14.55 11.90 -14.92
CA CYS B 180 14.87 10.66 -15.67
C CYS B 180 16.35 10.33 -15.78
N SER B 181 17.24 11.27 -15.44
CA SER B 181 18.66 11.13 -15.66
C SER B 181 19.51 11.63 -14.49
N GLY B 182 20.35 10.74 -13.98
CA GLY B 182 21.32 11.10 -12.94
C GLY B 182 22.29 12.20 -13.37
N LEU B 183 22.66 12.21 -14.64
CA LEU B 183 23.57 13.26 -15.11
C LEU B 183 22.90 14.60 -15.02
N PHE B 184 21.67 14.68 -15.52
CA PHE B 184 20.92 15.94 -15.47
C PHE B 184 20.62 16.33 -14.05
N TYR B 185 20.37 15.36 -13.19
CA TYR B 185 20.21 15.69 -11.77
C TYR B 185 21.44 16.47 -11.28
N SER B 186 22.61 15.93 -11.57
CA SER B 186 23.90 16.54 -11.10
C SER B 186 24.13 17.89 -11.75
N ILE B 187 23.87 18.01 -13.04
CA ILE B 187 23.99 19.29 -13.72
C ILE B 187 23.05 20.34 -13.13
N PHE B 188 21.80 19.97 -12.91
CA PHE B 188 20.81 20.98 -12.46
C PHE B 188 20.84 21.28 -10.95
N THR B 189 21.57 20.48 -10.17
CA THR B 189 21.88 20.84 -8.75
C THR B 189 23.28 21.42 -8.52
N ASP B 190 24.04 21.63 -9.58
CA ASP B 190 25.34 22.23 -9.48
C ASP B 190 25.15 23.75 -9.51
N GLN B 191 25.62 24.43 -8.47
CA GLN B 191 25.40 25.89 -8.34
C GLN B 191 25.90 26.66 -9.58
N LEU B 192 27.01 26.23 -10.17
CA LEU B 192 27.58 26.93 -11.33
C LEU B 192 26.88 26.65 -12.65
N LYS B 193 26.01 25.66 -12.70
CA LYS B 193 25.27 25.30 -13.94
C LYS B 193 23.75 25.34 -13.86
N CYS B 194 23.20 25.36 -12.66
CA CYS B 194 21.75 25.26 -12.46
C CYS B 194 20.93 26.35 -13.18
N ASN B 195 21.55 27.52 -13.41
CA ASN B 195 20.85 28.67 -14.04
C ASN B 195 21.13 28.89 -15.51
N LEU B 196 21.91 28.00 -16.12
CA LEU B 196 22.17 28.07 -17.55
C LEU B 196 20.93 27.67 -18.36
N SER B 197 20.70 28.35 -19.47
CA SER B 197 19.58 28.04 -20.35
C SER B 197 20.03 27.17 -21.52
N VAL B 198 21.34 26.98 -21.64
CA VAL B 198 21.93 26.13 -22.68
C VAL B 198 22.88 25.16 -22.02
N ILE B 199 22.71 23.88 -22.31
CA ILE B 199 23.59 22.83 -21.77
C ILE B 199 24.20 22.11 -22.95
N ASN B 200 25.53 22.15 -23.03
CA ASN B 200 26.30 21.47 -24.02
C ASN B 200 26.74 20.13 -23.46
N LEU B 201 26.29 19.04 -24.07
CA LEU B 201 26.80 17.72 -23.74
C LEU B 201 28.15 17.40 -24.43
N ASP B 202 28.83 16.39 -23.90
CA ASP B 202 30.02 15.85 -24.52
C ASP B 202 29.76 15.79 -26.03
N PRO B 203 30.55 16.52 -26.82
CA PRO B 203 30.17 16.61 -28.24
C PRO B 203 30.45 15.38 -29.07
N GLU B 204 31.08 14.38 -28.48
CA GLU B 204 31.22 13.08 -29.16
C GLU B 204 30.02 12.15 -28.94
N ILE B 205 29.09 12.59 -28.11
CA ILE B 205 27.77 11.94 -27.99
C ILE B 205 27.06 11.98 -29.34
N ASN B 206 26.49 10.85 -29.70
CA ASN B 206 25.60 10.68 -30.86
C ASN B 206 24.21 11.36 -30.69
N PRO B 207 23.88 12.33 -31.54
CA PRO B 207 22.63 13.08 -31.39
C PRO B 207 21.43 12.18 -31.52
N GLU B 208 21.49 11.25 -32.47
CA GLU B 208 20.35 10.32 -32.66
C GLU B 208 20.07 9.56 -31.35
N GLY B 209 21.13 9.13 -30.69
CA GLY B 209 21.01 8.37 -29.45
C GLY B 209 20.34 9.21 -28.39
N PHE B 210 20.75 10.46 -28.32
CA PHE B 210 20.13 11.36 -27.37
C PHE B 210 18.64 11.56 -27.68
N CYS B 211 18.34 11.78 -28.94
CA CYS B 211 16.99 12.07 -29.40
C CYS B 211 16.03 10.93 -29.04
N ILE B 212 16.49 9.74 -29.26
CA ILE B 212 15.74 8.54 -28.83
C ILE B 212 15.52 8.48 -27.32
N LEU B 213 16.53 8.87 -26.54
CA LEU B 213 16.42 8.82 -25.08
C LEU B 213 15.50 9.94 -24.57
N LEU B 214 15.62 11.11 -25.17
CA LEU B 214 14.74 12.25 -24.84
C LEU B 214 13.27 11.88 -25.13
N ASP B 215 13.01 11.31 -26.30
CA ASP B 215 11.68 10.79 -26.59
C ASP B 215 11.22 9.74 -25.61
N PHE B 216 12.12 8.84 -25.23
CA PHE B 216 11.78 7.86 -24.20
C PHE B 216 11.31 8.56 -22.90
N MET B 217 12.04 9.58 -22.48
CA MET B 217 11.76 10.26 -21.22
C MET B 217 10.33 10.74 -21.18
N TYR B 218 9.89 11.30 -22.29
CA TYR B 218 8.61 11.98 -22.38
C TYR B 218 7.46 11.06 -22.80
N THR B 219 7.76 9.84 -23.24
CA THR B 219 6.74 8.94 -23.79
C THR B 219 6.71 7.50 -23.22
N SER B 220 7.77 7.07 -22.55
CA SER B 220 7.89 5.69 -22.10
C SER B 220 8.16 4.70 -23.22
N ARG B 221 8.38 5.21 -24.43
CA ARG B 221 8.67 4.28 -25.53
C ARG B 221 10.12 4.42 -25.93
N LEU B 222 10.82 3.29 -25.94
CA LEU B 222 12.25 3.23 -26.32
C LEU B 222 12.35 2.55 -27.65
N ASN B 223 12.53 3.36 -28.68
CA ASN B 223 12.61 2.86 -30.06
C ASN B 223 13.99 2.33 -30.46
N LEU B 224 14.30 1.10 -30.02
CA LEU B 224 15.56 0.42 -30.35
C LEU B 224 15.49 -0.29 -31.69
N ARG B 225 16.54 -0.08 -32.49
CA ARG B 225 16.76 -0.83 -33.75
C ARG B 225 18.24 -1.30 -33.76
N GLU B 226 18.58 -2.35 -34.52
CA GLU B 226 19.99 -2.89 -34.60
C GLU B 226 21.04 -1.83 -34.91
N GLY B 227 20.65 -0.89 -35.77
CA GLY B 227 21.51 0.22 -36.21
C GLY B 227 21.64 1.38 -35.25
N ASN B 228 20.93 1.34 -34.11
CA ASN B 228 21.09 2.37 -33.09
C ASN B 228 21.39 1.90 -31.66
N ILE B 229 21.36 0.60 -31.41
CA ILE B 229 21.44 0.10 -30.05
C ILE B 229 22.74 0.51 -29.31
N MET B 230 23.87 0.49 -30.01
CA MET B 230 25.15 0.84 -29.43
C MET B 230 25.16 2.26 -28.94
N ALA B 231 24.66 3.11 -29.81
CA ALA B 231 24.65 4.53 -29.59
C ALA B 231 23.66 4.89 -28.46
N VAL B 232 22.55 4.19 -28.41
CA VAL B 232 21.54 4.44 -27.37
C VAL B 232 22.10 3.96 -26.02
N MET B 233 22.71 2.78 -26.02
CA MET B 233 23.32 2.22 -24.82
C MET B 233 24.38 3.15 -24.24
N ALA B 234 25.21 3.67 -25.12
CA ALA B 234 26.31 4.55 -24.72
C ALA B 234 25.77 5.82 -24.19
N THR B 235 24.77 6.36 -24.89
CA THR B 235 24.18 7.60 -24.47
C THR B 235 23.45 7.46 -23.13
N ALA B 236 22.84 6.31 -22.89
CA ALA B 236 22.12 6.05 -21.64
C ALA B 236 23.10 5.94 -20.48
N MET B 237 24.28 5.37 -20.76
CA MET B 237 25.33 5.20 -19.76
C MET B 237 25.80 6.56 -19.34
N TYR B 238 26.09 7.37 -20.33
CA TYR B 238 26.51 8.74 -20.10
C TYR B 238 25.44 9.54 -19.33
N LEU B 239 24.19 9.35 -19.71
CA LEU B 239 23.07 10.01 -18.98
C LEU B 239 22.70 9.37 -17.63
N GLN B 240 23.34 8.25 -17.33
CA GLN B 240 23.12 7.50 -16.11
C GLN B 240 21.65 7.11 -16.02
N MET B 241 21.20 6.43 -17.04
CA MET B 241 19.88 5.86 -17.07
C MET B 241 20.04 4.36 -17.06
N GLU B 242 20.25 3.82 -15.86
CA GLU B 242 20.73 2.45 -15.69
C GLU B 242 19.71 1.46 -16.19
N HIS B 243 18.42 1.70 -15.97
CA HIS B 243 17.44 0.72 -16.42
C HIS B 243 17.43 0.61 -17.92
N VAL B 244 17.72 1.71 -18.61
CA VAL B 244 17.74 1.69 -20.06
C VAL B 244 19.00 0.98 -20.53
N VAL B 245 20.09 1.21 -19.81
CA VAL B 245 21.34 0.52 -20.13
C VAL B 245 21.09 -1.00 -20.08
N ASP B 246 20.49 -1.45 -18.98
CA ASP B 246 20.17 -2.87 -18.79
CA ASP B 246 20.15 -2.86 -18.75
C ASP B 246 19.28 -3.41 -19.87
N THR B 247 18.31 -2.63 -20.30
CA THR B 247 17.42 -3.03 -21.37
C THR B 247 18.22 -3.17 -22.67
N CYS B 248 19.11 -2.25 -22.92
CA CYS B 248 19.95 -2.33 -24.13
C CYS B 248 20.82 -3.58 -24.11
N ARG B 249 21.39 -3.87 -22.95
CA ARG B 249 22.23 -5.07 -22.80
C ARG B 249 21.42 -6.31 -23.10
N LYS B 250 20.25 -6.43 -22.50
CA LYS B 250 19.35 -7.56 -22.74
C LYS B 250 18.98 -7.71 -24.22
N PHE B 251 18.72 -6.60 -24.92
CA PHE B 251 18.35 -6.61 -26.36
C PHE B 251 19.50 -7.17 -27.21
N ILE B 252 20.73 -6.93 -26.79
CA ILE B 252 21.90 -7.47 -27.49
C ILE B 252 21.88 -9.03 -27.45
N LYS B 253 21.13 -9.62 -26.51
CA LYS B 253 20.90 -11.11 -26.50
C LYS B 253 20.72 -11.75 -27.90
N ALA B 254 20.14 -10.99 -28.83
CA ALA B 254 20.40 -11.14 -30.31
C ALA B 254 19.22 -11.73 -31.12
N SER C 5 -19.99 7.56 32.39
CA SER C 5 -20.42 8.62 31.42
C SER C 5 -20.67 8.02 30.03
N ASP C 6 -20.31 8.78 28.98
CA ASP C 6 -20.11 8.26 27.62
C ASP C 6 -18.63 7.96 27.26
N PHE C 7 -18.49 6.91 26.48
CA PHE C 7 -17.19 6.38 26.09
C PHE C 7 -17.12 6.46 24.59
N PRO C 8 -16.66 7.59 24.04
CA PRO C 8 -16.94 7.79 22.60
C PRO C 8 -16.12 6.88 21.67
N GLN C 9 -15.07 6.24 22.17
CA GLN C 9 -14.30 5.36 21.34
C GLN C 9 -14.68 3.90 21.50
N HIS C 10 -15.66 3.63 22.32
CA HIS C 10 -15.93 2.24 22.70
C HIS C 10 -16.37 1.44 21.47
N SER C 11 -17.22 2.01 20.62
CA SER C 11 -17.73 1.21 19.49
C SER C 11 -16.63 0.88 18.48
N GLN C 12 -15.67 1.76 18.37
CA GLN C 12 -14.53 1.55 17.49
C GLN C 12 -13.63 0.45 18.10
N HIS C 13 -13.47 0.46 19.41
CA HIS C 13 -12.69 -0.54 20.11
C HIS C 13 -13.30 -1.93 19.91
N VAL C 14 -14.60 -2.01 20.07
CA VAL C 14 -15.34 -3.26 19.86
C VAL C 14 -15.16 -3.79 18.42
N LEU C 15 -15.33 -2.93 17.45
CA LEU C 15 -15.11 -3.32 16.03
C LEU C 15 -13.69 -3.85 15.74
N GLU C 16 -12.68 -3.15 16.25
CA GLU C 16 -11.27 -3.68 16.13
C GLU C 16 -11.13 -5.06 16.78
N GLN C 17 -11.74 -5.24 17.95
CA GLN C 17 -11.66 -6.54 18.65
C GLN C 17 -12.36 -7.63 17.83
N LEU C 18 -13.50 -7.29 17.21
CA LEU C 18 -14.22 -8.28 16.39
C LEU C 18 -13.38 -8.66 15.20
N ASN C 19 -12.72 -7.67 14.62
CA ASN C 19 -11.83 -7.92 13.51
C ASN C 19 -10.60 -8.76 13.89
N GLN C 20 -10.01 -8.46 15.02
CA GLN C 20 -8.96 -9.31 15.58
C GLN C 20 -9.48 -10.76 15.74
N GLN C 21 -10.65 -10.95 16.31
CA GLN C 21 -11.24 -12.31 16.43
C GLN C 21 -11.35 -13.02 15.10
N ARG C 22 -11.88 -12.32 14.12
CA ARG C 22 -12.05 -12.89 12.79
C ARG C 22 -10.70 -13.32 12.13
N GLN C 23 -9.71 -12.47 12.23
CA GLN C 23 -8.37 -12.80 11.75
C GLN C 23 -7.80 -14.02 12.43
N LEU C 24 -8.09 -14.23 13.71
CA LEU C 24 -7.62 -15.41 14.44
C LEU C 24 -8.55 -16.61 14.38
N GLY C 25 -9.72 -16.46 13.77
CA GLY C 25 -10.78 -17.49 13.82
C GLY C 25 -11.54 -17.65 15.15
N LEU C 26 -11.35 -16.74 16.10
CA LEU C 26 -12.00 -16.88 17.41
C LEU C 26 -13.50 -16.65 17.32
N LEU C 27 -14.26 -17.58 17.87
CA LEU C 27 -15.73 -17.57 17.94
C LEU C 27 -16.40 -17.44 16.60
N CYS C 28 -15.67 -17.61 15.53
CA CYS C 28 -16.31 -17.56 14.20
C CYS C 28 -17.19 -18.82 14.00
N ASP C 29 -18.46 -18.60 13.74
CA ASP C 29 -19.49 -19.65 13.72
C ASP C 29 -20.11 -19.73 12.33
N CYS C 30 -19.46 -19.06 11.39
N CYS C 30 -19.50 -19.03 11.39
CA CYS C 30 -19.92 -19.02 10.04
CA CYS C 30 -19.97 -19.01 10.02
C CYS C 30 -18.73 -19.15 9.14
C CYS C 30 -18.76 -19.14 9.12
N THR C 31 -18.84 -20.03 8.15
CA THR C 31 -17.80 -20.20 7.16
C THR C 31 -18.39 -20.13 5.75
N PHE C 32 -17.79 -19.31 4.90
CA PHE C 32 -18.17 -19.26 3.49
C PHE C 32 -17.02 -19.81 2.68
N VAL C 33 -17.32 -20.68 1.76
CA VAL C 33 -16.31 -21.22 0.89
C VAL C 33 -16.63 -20.73 -0.47
N VAL C 34 -15.81 -19.82 -0.97
CA VAL C 34 -16.07 -19.12 -2.22
C VAL C 34 -14.82 -19.20 -3.11
N ASP C 35 -14.95 -19.88 -4.25
CA ASP C 35 -13.86 -19.95 -5.19
C ASP C 35 -12.62 -20.44 -4.48
N GLY C 36 -12.81 -21.48 -3.68
CA GLY C 36 -11.72 -22.12 -2.95
C GLY C 36 -11.12 -21.32 -1.81
N VAL C 37 -11.76 -20.21 -1.45
CA VAL C 37 -11.32 -19.45 -0.28
C VAL C 37 -12.31 -19.60 0.84
N HIS C 38 -11.78 -19.88 2.01
CA HIS C 38 -12.55 -20.01 3.24
C HIS C 38 -12.57 -18.74 4.08
N PHE C 39 -13.75 -18.17 4.23
CA PHE C 39 -13.91 -16.90 4.91
C PHE C 39 -14.65 -17.19 6.18
N LYS C 40 -14.06 -16.82 7.30
CA LYS C 40 -14.61 -17.07 8.64
C LYS C 40 -15.24 -15.77 9.11
N ALA C 41 -16.36 -15.88 9.78
CA ALA C 41 -17.06 -14.71 10.25
C ALA C 41 -17.98 -15.05 11.42
N HIS C 42 -18.59 -14.02 12.00
CA HIS C 42 -19.50 -14.24 13.14
C HIS C 42 -20.89 -13.96 12.61
N LYS C 43 -21.82 -14.85 12.85
CA LYS C 43 -23.19 -14.59 12.42
C LYS C 43 -23.74 -13.32 12.91
N ALA C 44 -23.53 -13.08 14.19
CA ALA C 44 -24.09 -11.89 14.77
C ALA C 44 -23.56 -10.59 14.12
N VAL C 45 -22.30 -10.57 13.74
CA VAL C 45 -21.74 -9.36 13.11
C VAL C 45 -22.34 -9.21 11.70
N LEU C 46 -22.40 -10.31 10.95
CA LEU C 46 -23.05 -10.30 9.64
C LEU C 46 -24.51 -9.85 9.72
N ALA C 47 -25.26 -10.38 10.67
CA ALA C 47 -26.64 -9.98 10.87
C ALA C 47 -26.73 -8.51 11.24
N ALA C 48 -25.74 -8.01 11.99
CA ALA C 48 -25.71 -6.59 12.38
C ALA C 48 -25.38 -5.65 11.24
N CYS C 49 -24.82 -6.18 10.18
CA CYS C 49 -24.53 -5.34 9.01
C CYS C 49 -25.47 -5.54 7.79
N SER C 50 -26.19 -6.65 7.75
CA SER C 50 -27.00 -7.05 6.61
C SER C 50 -28.33 -7.67 6.96
N GLU C 51 -29.40 -7.07 6.48
CA GLU C 51 -30.77 -7.61 6.66
C GLU C 51 -30.91 -9.02 6.08
N TYR C 52 -30.27 -9.22 4.94
CA TYR C 52 -30.25 -10.54 4.35
C TYR C 52 -29.60 -11.60 5.26
N PHE C 53 -28.42 -11.29 5.82
CA PHE C 53 -27.77 -12.32 6.67
C PHE C 53 -28.58 -12.56 7.94
N LYS C 54 -29.19 -11.50 8.43
CA LYS C 54 -30.03 -11.63 9.61
C LYS C 54 -31.19 -12.61 9.39
N MET C 55 -31.91 -12.42 8.29
CA MET C 55 -33.02 -13.35 7.89
C MET C 55 -32.45 -14.76 7.66
N LEU C 56 -31.39 -14.85 6.89
CA LEU C 56 -30.75 -16.14 6.64
C LEU C 56 -30.32 -16.90 7.91
N PHE C 57 -29.83 -16.20 8.94
CA PHE C 57 -29.34 -16.90 10.11
C PHE C 57 -30.41 -17.18 11.16
N VAL C 58 -31.43 -16.34 11.23
CA VAL C 58 -32.61 -16.59 12.06
C VAL C 58 -33.36 -17.82 11.52
N ASP C 59 -33.77 -17.78 10.27
CA ASP C 59 -34.29 -18.96 9.55
C ASP C 59 -33.20 -20.04 9.45
N ASP C 67 -22.62 -19.64 -1.26
CA ASP C 67 -23.58 -19.13 -2.26
C ASP C 67 -22.79 -18.23 -3.27
N ILE C 68 -23.36 -18.00 -4.45
CA ILE C 68 -22.59 -17.41 -5.59
C ILE C 68 -22.21 -15.91 -5.50
N SER C 69 -20.90 -15.66 -5.46
CA SER C 69 -20.28 -14.35 -5.63
C SER C 69 -18.87 -14.58 -6.16
N ASN C 70 -18.02 -13.56 -6.11
CA ASN C 70 -16.58 -13.78 -6.27
C ASN C 70 -15.99 -13.78 -4.86
N ALA C 71 -14.84 -14.42 -4.71
CA ALA C 71 -14.04 -14.19 -3.52
C ALA C 71 -13.57 -12.74 -3.40
N ALA C 72 -13.34 -12.08 -4.53
CA ALA C 72 -13.07 -10.65 -4.52
C ALA C 72 -14.23 -9.83 -3.94
N GLY C 73 -15.45 -10.18 -4.31
CA GLY C 73 -16.66 -9.45 -3.94
C GLY C 73 -16.98 -9.64 -2.48
N LEU C 74 -17.06 -10.89 -2.05
CA LEU C 74 -17.43 -11.16 -0.71
C LEU C 74 -16.32 -10.75 0.27
N GLY C 75 -15.07 -10.99 -0.12
CA GLY C 75 -13.92 -10.66 0.67
C GLY C 75 -13.95 -9.21 1.00
N GLN C 76 -14.31 -8.40 0.03
CA GLN C 76 -14.34 -6.94 0.21
C GLN C 76 -15.51 -6.47 1.12
N VAL C 77 -16.65 -7.12 0.98
CA VAL C 77 -17.79 -6.81 1.84
C VAL C 77 -17.49 -7.22 3.29
N LEU C 78 -16.87 -8.38 3.49
CA LEU C 78 -16.55 -8.79 4.85
C LEU C 78 -15.59 -7.81 5.47
N GLU C 79 -14.62 -7.40 4.67
CA GLU C 79 -13.59 -6.51 5.14
C GLU C 79 -14.24 -5.19 5.59
N PHE C 80 -15.18 -4.70 4.80
CA PHE C 80 -15.91 -3.53 5.18
C PHE C 80 -16.66 -3.72 6.49
N MET C 81 -17.31 -4.86 6.65
CA MET C 81 -18.12 -5.06 7.84
C MET C 81 -17.28 -4.94 9.10
N TYR C 82 -16.07 -5.49 9.01
CA TYR C 82 -15.20 -5.62 10.15
C TYR C 82 -14.24 -4.43 10.37
N THR C 83 -14.09 -3.55 9.39
CA THR C 83 -13.15 -2.45 9.45
C THR C 83 -13.69 -1.09 9.12
N ALA C 84 -14.87 -1.03 8.53
CA ALA C 84 -15.46 0.23 8.04
C ALA C 84 -14.76 0.79 6.80
N LYS C 85 -13.78 0.06 6.25
CA LYS C 85 -13.05 0.47 5.02
C LYS C 85 -13.49 -0.41 3.84
N LEU C 86 -13.87 0.23 2.77
CA LEU C 86 -14.25 -0.47 1.56
C LEU C 86 -13.25 -0.07 0.49
N SER C 87 -12.52 -1.04 -0.04
CA SER C 87 -11.56 -0.80 -1.13
C SER C 87 -12.09 -1.25 -2.50
N LEU C 88 -12.48 -0.29 -3.32
CA LEU C 88 -12.98 -0.56 -4.66
C LEU C 88 -11.90 -0.29 -5.70
N SER C 89 -11.98 -1.04 -6.80
CA SER C 89 -11.06 -0.89 -7.93
C SER C 89 -11.86 -1.19 -9.16
N PRO C 90 -11.37 -0.78 -10.35
CA PRO C 90 -12.10 -1.13 -11.57
C PRO C 90 -12.28 -2.63 -11.78
N GLU C 91 -11.35 -3.41 -11.26
CA GLU C 91 -11.44 -4.87 -11.34
C GLU C 91 -12.43 -5.55 -10.41
N ASN C 92 -12.80 -4.92 -9.30
CA ASN C 92 -13.68 -5.60 -8.34
C ASN C 92 -15.03 -4.98 -8.18
N VAL C 93 -15.23 -3.82 -8.79
CA VAL C 93 -16.40 -3.02 -8.40
C VAL C 93 -17.74 -3.70 -8.72
N ASP C 94 -17.80 -4.39 -9.84
CA ASP C 94 -19.05 -5.03 -10.27
C ASP C 94 -19.36 -6.23 -9.38
N ASP C 95 -18.33 -7.01 -9.11
CA ASP C 95 -18.39 -8.13 -8.14
C ASP C 95 -18.86 -7.62 -6.76
N VAL C 96 -18.28 -6.51 -6.28
CA VAL C 96 -18.70 -5.98 -4.97
C VAL C 96 -20.17 -5.54 -5.06
N LEU C 97 -20.51 -4.87 -6.15
CA LEU C 97 -21.87 -4.34 -6.32
C LEU C 97 -22.93 -5.44 -6.37
N ALA C 98 -22.63 -6.52 -7.06
CA ALA C 98 -23.50 -7.70 -7.13
C ALA C 98 -23.72 -8.32 -5.76
N VAL C 99 -22.64 -8.54 -5.03
CA VAL C 99 -22.78 -9.09 -3.66
C VAL C 99 -23.56 -8.15 -2.76
N ALA C 100 -23.28 -6.86 -2.83
CA ALA C 100 -23.93 -5.86 -1.96
C ALA C 100 -25.42 -5.74 -2.28
N THR C 101 -25.75 -5.93 -3.53
CA THR C 101 -27.16 -5.92 -3.97
C THR C 101 -27.88 -7.12 -3.35
N PHE C 102 -27.33 -8.29 -3.57
CA PHE C 102 -27.84 -9.53 -2.96
C PHE C 102 -28.00 -9.38 -1.43
N LEU C 103 -27.07 -8.70 -0.77
CA LEU C 103 -27.12 -8.56 0.70
C LEU C 103 -27.88 -7.35 1.20
N GLN C 104 -28.40 -6.59 0.24
CA GLN C 104 -29.12 -5.32 0.51
C GLN C 104 -28.30 -4.33 1.35
N MET C 105 -27.05 -4.17 0.99
CA MET C 105 -26.18 -3.26 1.73
C MET C 105 -26.05 -1.96 0.94
N GLN C 106 -26.91 -1.02 1.30
CA GLN C 106 -27.13 0.22 0.54
C GLN C 106 -25.90 1.15 0.45
N ASP C 107 -25.24 1.33 1.57
CA ASP C 107 -23.98 2.08 1.66
C ASP C 107 -22.97 1.56 0.62
N ILE C 108 -22.85 0.24 0.53
CA ILE C 108 -21.90 -0.33 -0.42
C ILE C 108 -22.42 -0.13 -1.86
N ILE C 109 -23.71 -0.31 -2.06
CA ILE C 109 -24.31 -0.19 -3.40
C ILE C 109 -24.06 1.20 -3.98
N THR C 110 -24.32 2.18 -3.16
CA THR C 110 -24.06 3.58 -3.52
C THR C 110 -22.57 3.88 -3.75
N ALA C 111 -21.68 3.36 -2.89
CA ALA C 111 -20.24 3.55 -3.10
C ALA C 111 -19.84 3.02 -4.47
N CYS C 112 -20.33 1.85 -4.85
CA CYS C 112 -19.99 1.27 -6.14
C CYS C 112 -20.49 2.16 -7.30
N HIS C 113 -21.72 2.61 -7.22
CA HIS C 113 -22.26 3.52 -8.24
C HIS C 113 -21.44 4.83 -8.28
N ALA C 114 -21.09 5.34 -7.11
CA ALA C 114 -20.24 6.53 -7.04
C ALA C 114 -18.90 6.29 -7.75
N LEU C 115 -18.30 5.13 -7.50
CA LEU C 115 -17.02 4.88 -8.16
C LEU C 115 -17.20 4.88 -9.68
N LYS C 116 -18.19 4.16 -10.13
CA LYS C 116 -18.44 4.06 -11.59
C LYS C 116 -18.81 5.41 -12.20
N SER C 117 -19.47 6.26 -11.44
CA SER C 117 -19.79 7.61 -11.91
C SER C 117 -18.52 8.39 -12.28
N LEU C 118 -17.37 7.96 -11.79
CA LEU C 118 -16.09 8.61 -12.15
C LEU C 118 -15.60 8.35 -13.55
N ALA C 119 -16.08 7.28 -14.17
CA ALA C 119 -15.89 7.03 -15.61
C ALA C 119 -17.10 7.53 -16.41
N GLY C 130 -13.86 2.17 -15.06
CA GLY C 130 -12.96 3.30 -15.13
C GLY C 130 -11.50 3.01 -14.79
N THR C 131 -10.84 4.03 -14.21
CA THR C 131 -9.40 3.98 -13.90
C THR C 131 -9.05 4.55 -12.50
N ALA C 132 -10.03 4.58 -11.60
CA ALA C 132 -9.81 4.98 -10.21
C ALA C 132 -9.99 3.84 -9.21
N ASP C 133 -9.07 3.74 -8.28
CA ASP C 133 -9.28 2.93 -7.09
C ASP C 133 -9.72 3.87 -5.99
N SER C 134 -10.52 3.35 -5.11
CA SER C 134 -10.98 4.16 -4.00
C SER C 134 -11.02 3.33 -2.76
N CYS C 135 -10.50 3.91 -1.70
CA CYS C 135 -10.63 3.35 -0.38
C CYS C 135 -11.54 4.28 0.45
N ILE C 136 -12.71 3.80 0.76
CA ILE C 136 -13.73 4.62 1.43
C ILE C 136 -13.88 4.19 2.89
N GLN C 137 -13.84 5.16 3.78
CA GLN C 137 -13.90 4.89 5.23
C GLN C 137 -15.18 5.49 5.78
N PHE C 138 -16.05 4.63 6.28
CA PHE C 138 -17.39 5.02 6.79
C PHE C 138 -17.31 5.24 8.28
N THR C 139 -17.22 6.50 8.69
CA THR C 139 -16.84 6.82 10.08
C THR C 139 -17.92 6.57 11.11
N ARG C 140 -19.13 6.36 10.67
CA ARG C 140 -20.26 6.01 11.55
C ARG C 140 -20.49 4.48 11.65
N HIS C 141 -19.72 3.71 10.89
CA HIS C 141 -20.03 2.27 10.80
C HIS C 141 -19.87 1.53 12.13
N ALA C 142 -18.80 1.79 12.86
CA ALA C 142 -18.55 1.07 14.12
C ALA C 142 -19.71 1.24 15.12
N SER C 143 -20.18 2.46 15.22
CA SER C 143 -21.40 2.77 16.00
C SER C 143 -22.63 2.11 15.53
N ASP C 144 -22.80 2.06 14.20
CA ASP C 144 -23.97 1.37 13.64
C ASP C 144 -23.96 -0.11 14.00
N VAL C 145 -22.79 -0.73 13.87
CA VAL C 145 -22.67 -2.15 14.17
C VAL C 145 -23.05 -2.42 15.63
N LEU C 146 -22.51 -1.63 16.53
CA LEU C 146 -22.75 -1.88 17.97
C LEU C 146 -24.23 -1.69 18.32
N LEU C 147 -24.80 -0.64 17.74
CA LEU C 147 -26.22 -0.36 17.89
C LEU C 147 -27.01 -1.56 17.40
N ASN C 148 -26.64 -2.09 16.24
CA ASN C 148 -27.39 -3.23 15.70
C ASN C 148 -27.14 -4.49 16.44
N LEU C 149 -25.93 -4.67 16.96
CA LEU C 149 -25.72 -5.82 17.86
C LEU C 149 -26.64 -5.72 19.11
N ASN C 150 -26.82 -4.52 19.62
CA ASN C 150 -27.68 -4.34 20.79
C ASN C 150 -29.14 -4.58 20.44
N ARG C 151 -29.54 -4.13 19.26
CA ARG C 151 -30.90 -4.46 18.76
C ARG C 151 -31.11 -5.96 18.66
N LEU C 152 -30.11 -6.67 18.15
CA LEU C 152 -30.17 -8.13 18.16
C LEU C 152 -30.35 -8.65 19.56
N ARG C 153 -29.55 -8.13 20.48
CA ARG C 153 -29.67 -8.61 21.86
C ARG C 153 -31.08 -8.32 22.47
N SER C 154 -31.59 -7.13 22.23
CA SER C 154 -32.98 -6.76 22.66
CA SER C 154 -32.97 -6.73 22.66
C SER C 154 -34.06 -7.74 22.26
N ARG C 155 -33.96 -8.28 21.06
CA ARG C 155 -34.94 -9.22 20.55
C ARG C 155 -34.49 -10.65 20.65
N ASP C 156 -33.43 -10.88 21.41
CA ASP C 156 -32.86 -12.22 21.56
C ASP C 156 -32.46 -12.95 20.24
N ILE C 157 -31.94 -12.19 19.28
CA ILE C 157 -31.54 -12.77 18.00
C ILE C 157 -30.04 -13.13 17.94
N LEU C 158 -29.76 -14.39 17.63
CA LEU C 158 -28.43 -14.96 17.52
C LEU C 158 -27.59 -14.99 18.77
N THR C 159 -28.22 -14.69 19.89
CA THR C 159 -27.55 -14.85 21.16
C THR C 159 -27.21 -16.31 21.33
N ASP C 160 -26.03 -16.58 21.84
CA ASP C 160 -25.49 -17.95 21.91
C ASP C 160 -25.01 -18.26 23.29
N VAL C 161 -25.32 -17.41 24.24
CA VAL C 161 -24.96 -17.75 25.61
C VAL C 161 -25.93 -17.11 26.54
N VAL C 162 -26.08 -17.72 27.71
CA VAL C 162 -26.78 -17.10 28.86
C VAL C 162 -25.77 -16.97 29.98
N ILE C 163 -25.67 -15.78 30.53
CA ILE C 163 -24.84 -15.54 31.68
C ILE C 163 -25.77 -15.53 32.91
N VAL C 164 -25.46 -16.40 33.86
CA VAL C 164 -26.29 -16.56 35.06
C VAL C 164 -25.58 -15.96 36.25
N VAL C 165 -26.22 -14.98 36.85
CA VAL C 165 -25.66 -14.31 38.02
C VAL C 165 -26.67 -14.47 39.14
N SER C 166 -26.39 -15.40 40.05
CA SER C 166 -27.37 -15.86 41.07
C SER C 166 -28.70 -16.24 40.45
N ARG C 167 -29.70 -15.42 40.66
CA ARG C 167 -31.02 -15.74 40.15
C ARG C 167 -31.14 -15.37 38.66
N GLU C 168 -30.60 -14.21 38.35
CA GLU C 168 -30.83 -13.55 37.07
C GLU C 168 -30.02 -14.10 35.88
N GLN C 169 -30.62 -13.94 34.72
CA GLN C 169 -30.15 -14.52 33.50
C GLN C 169 -30.08 -13.43 32.44
N PHE C 170 -28.98 -13.41 31.71
CA PHE C 170 -28.70 -12.40 30.71
C PHE C 170 -28.25 -13.10 29.44
N ARG C 171 -28.97 -12.88 28.37
CA ARG C 171 -28.63 -13.46 27.08
C ARG C 171 -27.66 -12.50 26.39
N ALA C 172 -26.72 -13.04 25.64
CA ALA C 172 -25.70 -12.16 25.03
C ALA C 172 -25.05 -12.89 23.87
N HIS C 173 -24.16 -12.16 23.19
CA HIS C 173 -23.32 -12.79 22.13
C HIS C 173 -21.94 -12.95 22.66
N LYS C 174 -21.44 -14.16 22.66
CA LYS C 174 -20.07 -14.44 23.15
C LYS C 174 -19.03 -13.50 22.59
N THR C 175 -19.17 -13.20 21.31
CA THR C 175 -18.18 -12.39 20.59
C THR C 175 -18.08 -10.99 21.16
N VAL C 176 -19.22 -10.39 21.52
CA VAL C 176 -19.22 -9.10 22.16
C VAL C 176 -18.62 -9.15 23.55
N LEU C 177 -18.97 -10.17 24.31
CA LEU C 177 -18.42 -10.35 25.65
C LEU C 177 -16.92 -10.46 25.62
N MET C 178 -16.42 -11.29 24.70
CA MET C 178 -14.98 -11.48 24.53
C MET C 178 -14.31 -10.14 24.10
N ALA C 179 -14.98 -9.37 23.27
CA ALA C 179 -14.44 -8.11 22.83
C ALA C 179 -14.25 -7.10 23.96
N CYS C 180 -15.06 -7.19 25.01
CA CYS C 180 -15.10 -6.18 26.04
C CYS C 180 -14.52 -6.56 27.40
N SER C 181 -14.28 -7.85 27.64
CA SER C 181 -13.92 -8.34 28.95
C SER C 181 -12.82 -9.41 28.86
N GLY C 182 -11.73 -9.16 29.55
CA GLY C 182 -10.64 -10.15 29.67
C GLY C 182 -11.12 -11.45 30.29
N LEU C 183 -12.06 -11.39 31.24
CA LEU C 183 -12.55 -12.60 31.90
C LEU C 183 -13.27 -13.47 30.89
N PHE C 184 -14.13 -12.85 30.12
CA PHE C 184 -14.88 -13.58 29.10
C PHE C 184 -13.98 -14.08 27.98
N TYR C 185 -12.94 -13.33 27.67
CA TYR C 185 -11.94 -13.83 26.72
C TYR C 185 -11.43 -15.19 27.25
N SER C 186 -11.05 -15.23 28.53
CA SER C 186 -10.42 -16.44 29.11
C SER C 186 -11.42 -17.59 29.19
N ILE C 187 -12.67 -17.29 29.59
CA ILE C 187 -13.69 -18.30 29.63
C ILE C 187 -13.95 -18.91 28.23
N PHE C 188 -14.09 -18.06 27.23
CA PHE C 188 -14.43 -18.53 25.89
C PHE C 188 -13.27 -19.12 25.05
N THR C 189 -12.04 -18.97 25.53
CA THR C 189 -10.88 -19.71 24.98
C THR C 189 -10.40 -20.89 25.87
N ASP C 190 -11.14 -21.20 26.91
CA ASP C 190 -10.83 -22.36 27.74
C ASP C 190 -11.50 -23.58 27.14
N GLN C 191 -10.71 -24.61 26.87
CA GLN C 191 -11.21 -25.81 26.17
C GLN C 191 -12.40 -26.45 26.91
N LEU C 192 -12.35 -26.44 28.24
CA LEU C 192 -13.43 -27.07 29.03
C LEU C 192 -14.69 -26.22 29.17
N LYS C 193 -14.63 -24.94 28.79
CA LYS C 193 -15.81 -24.04 28.90
C LYS C 193 -16.28 -23.39 27.59
N CYS C 194 -15.44 -23.40 26.56
CA CYS C 194 -15.72 -22.67 25.29
C CYS C 194 -17.05 -23.06 24.62
N ASN C 195 -17.50 -24.30 24.85
CA ASN C 195 -18.75 -24.81 24.24
C ASN C 195 -20.00 -24.82 25.08
N LEU C 196 -19.89 -24.30 26.29
CA LEU C 196 -21.05 -24.21 27.16
C LEU C 196 -21.97 -23.08 26.67
N SER C 197 -23.26 -23.32 26.79
CA SER C 197 -24.25 -22.31 26.42
C SER C 197 -24.74 -21.53 27.65
N VAL C 198 -24.33 -21.98 28.82
CA VAL C 198 -24.69 -21.36 30.09
C VAL C 198 -23.43 -21.15 30.89
N ILE C 199 -23.21 -19.92 31.34
CA ILE C 199 -22.06 -19.57 32.13
C ILE C 199 -22.58 -19.00 33.43
N ASN C 200 -22.25 -19.69 34.51
CA ASN C 200 -22.64 -19.29 35.87
C ASN C 200 -21.48 -18.52 36.49
N LEU C 201 -21.73 -17.28 36.85
CA LEU C 201 -20.67 -16.47 37.46
C LEU C 201 -20.71 -16.73 38.95
N ASP C 202 -19.63 -16.40 39.63
CA ASP C 202 -19.58 -16.50 41.10
C ASP C 202 -20.86 -15.89 41.70
N PRO C 203 -21.55 -16.60 42.60
CA PRO C 203 -22.77 -16.02 43.20
C PRO C 203 -22.56 -14.81 44.16
N GLU C 204 -21.32 -14.49 44.48
CA GLU C 204 -21.03 -13.24 45.18
C GLU C 204 -21.30 -12.00 44.29
N ILE C 205 -21.26 -12.20 42.97
CA ILE C 205 -21.40 -11.10 42.02
C ILE C 205 -22.81 -10.56 42.03
N ASN C 206 -22.87 -9.24 42.12
CA ASN C 206 -24.12 -8.52 42.13
C ASN C 206 -24.74 -8.47 40.73
N PRO C 207 -25.97 -8.96 40.59
CA PRO C 207 -26.61 -8.99 39.28
C PRO C 207 -26.80 -7.63 38.68
N GLU C 208 -27.21 -6.68 39.50
CA GLU C 208 -27.44 -5.32 39.00
C GLU C 208 -26.12 -4.77 38.41
N GLY C 209 -25.02 -5.02 39.09
CA GLY C 209 -23.71 -4.57 38.64
C GLY C 209 -23.39 -5.14 37.27
N PHE C 210 -23.71 -6.42 37.11
CA PHE C 210 -23.42 -7.09 35.89
C PHE C 210 -24.22 -6.51 34.74
N CYS C 211 -25.49 -6.34 35.00
CA CYS C 211 -26.44 -5.83 34.04
C CYS C 211 -25.97 -4.48 33.51
N ILE C 212 -25.55 -3.62 34.41
CA ILE C 212 -25.03 -2.31 34.02
C ILE C 212 -23.79 -2.41 33.15
N LEU C 213 -22.92 -3.38 33.45
CA LEU C 213 -21.72 -3.55 32.66
C LEU C 213 -22.05 -4.15 31.28
N LEU C 214 -23.00 -5.08 31.25
CA LEU C 214 -23.47 -5.67 30.01
C LEU C 214 -24.06 -4.59 29.10
N ASP C 215 -24.90 -3.75 29.66
CA ASP C 215 -25.43 -2.64 28.91
C ASP C 215 -24.33 -1.74 28.38
N PHE C 216 -23.35 -1.48 29.22
CA PHE C 216 -22.25 -0.68 28.78
C PHE C 216 -21.58 -1.30 27.51
N MET C 217 -21.36 -2.61 27.54
CA MET C 217 -20.69 -3.27 26.45
C MET C 217 -21.39 -3.01 25.11
N TYR C 218 -22.70 -3.05 25.16
CA TYR C 218 -23.53 -2.98 23.96
C TYR C 218 -23.94 -1.59 23.57
N THR C 219 -23.67 -0.60 24.40
CA THR C 219 -24.13 0.77 24.13
C THR C 219 -23.11 1.86 24.26
N SER C 220 -22.00 1.58 24.93
CA SER C 220 -21.05 2.63 25.28
C SER C 220 -21.49 3.55 26.39
N ARG C 221 -22.63 3.29 27.01
CA ARG C 221 -23.11 4.15 28.10
C ARG C 221 -23.01 3.35 29.39
N LEU C 222 -22.38 3.95 30.37
CA LEU C 222 -22.26 3.37 31.71
C LEU C 222 -23.19 4.10 32.67
N ASN C 223 -24.30 3.49 33.01
CA ASN C 223 -25.33 4.08 33.91
C ASN C 223 -25.03 3.95 35.43
N LEU C 224 -24.10 4.76 35.89
CA LEU C 224 -23.75 4.82 37.33
C LEU C 224 -24.73 5.63 38.15
N ARG C 225 -25.10 5.11 39.33
CA ARG C 225 -25.87 5.84 40.40
C ARG C 225 -25.08 5.66 41.72
N GLU C 226 -25.24 6.57 42.69
CA GLU C 226 -24.45 6.52 43.96
C GLU C 226 -24.58 5.18 44.68
N GLY C 227 -25.78 4.61 44.63
CA GLY C 227 -26.05 3.32 45.27
C GLY C 227 -25.47 2.08 44.60
N ASN C 228 -25.03 2.21 43.35
CA ASN C 228 -24.57 1.05 42.58
C ASN C 228 -23.08 1.08 42.29
N ILE C 229 -22.44 2.20 42.56
CA ILE C 229 -21.13 2.37 42.02
C ILE C 229 -20.11 1.36 42.54
N MET C 230 -20.21 1.02 43.79
CA MET C 230 -19.25 0.11 44.40
C MET C 230 -19.37 -1.27 43.80
N ALA C 231 -20.61 -1.69 43.62
CA ALA C 231 -20.91 -3.00 43.01
C ALA C 231 -20.42 -3.03 41.53
N VAL C 232 -20.56 -1.93 40.83
CA VAL C 232 -20.21 -1.86 39.44
C VAL C 232 -18.71 -1.93 39.40
N MET C 233 -18.07 -1.15 40.24
CA MET C 233 -16.61 -1.10 40.25
C MET C 233 -15.99 -2.47 40.55
N ALA C 234 -16.56 -3.17 41.51
CA ALA C 234 -16.10 -4.50 41.89
C ALA C 234 -16.36 -5.46 40.73
N THR C 235 -17.56 -5.41 40.17
CA THR C 235 -17.90 -6.28 39.02
C THR C 235 -16.94 -6.04 37.86
N ALA C 236 -16.50 -4.80 37.65
CA ALA C 236 -15.68 -4.44 36.50
C ALA C 236 -14.29 -4.93 36.69
N MET C 237 -13.84 -4.94 37.92
CA MET C 237 -12.54 -5.51 38.24
C MET C 237 -12.54 -7.03 38.00
N TYR C 238 -13.54 -7.71 38.48
CA TYR C 238 -13.72 -9.13 38.25
C TYR C 238 -13.80 -9.42 36.74
N LEU C 239 -14.50 -8.57 36.00
CA LEU C 239 -14.62 -8.79 34.52
C LEU C 239 -13.40 -8.36 33.77
N GLN C 240 -12.45 -7.78 34.50
CA GLN C 240 -11.19 -7.28 33.94
C GLN C 240 -11.41 -6.18 32.92
N MET C 241 -12.27 -5.23 33.28
CA MET C 241 -12.47 -4.03 32.44
C MET C 241 -11.88 -2.81 33.12
N GLU C 242 -10.59 -2.60 32.93
CA GLU C 242 -9.85 -1.65 33.74
C GLU C 242 -10.32 -0.25 33.50
N HIS C 243 -10.67 0.08 32.27
CA HIS C 243 -11.02 1.46 32.03
C HIS C 243 -12.34 1.85 32.72
N VAL C 244 -13.24 0.91 32.87
CA VAL C 244 -14.48 1.16 33.61
C VAL C 244 -14.17 1.30 35.12
N VAL C 245 -13.19 0.54 35.59
CA VAL C 245 -12.79 0.61 36.99
C VAL C 245 -12.32 2.02 37.27
N ASP C 246 -11.44 2.53 36.41
CA ASP C 246 -10.97 3.92 36.54
C ASP C 246 -12.09 4.97 36.49
N THR C 247 -13.07 4.76 35.63
CA THR C 247 -14.19 5.70 35.54
C THR C 247 -15.04 5.67 36.84
N CYS C 248 -15.23 4.51 37.40
CA CYS C 248 -15.91 4.39 38.67
C CYS C 248 -15.16 5.14 39.76
N ARG C 249 -13.83 5.02 39.76
CA ARG C 249 -13.01 5.65 40.79
C ARG C 249 -13.24 7.14 40.69
N LYS C 250 -13.16 7.68 39.47
CA LYS C 250 -13.34 9.14 39.28
C LYS C 250 -14.72 9.62 39.77
N PHE C 251 -15.75 8.83 39.54
CA PHE C 251 -17.12 9.17 39.94
C PHE C 251 -17.30 9.20 41.47
N ILE C 252 -16.52 8.42 42.18
CA ILE C 252 -16.52 8.44 43.65
C ILE C 252 -15.95 9.73 44.19
N LYS C 253 -14.87 10.17 43.54
CA LYS C 253 -14.36 11.56 43.60
C LYS C 253 -15.41 12.69 43.40
N ALA C 254 -16.38 12.47 42.52
CA ALA C 254 -17.46 13.44 42.20
C ALA C 254 -18.85 12.98 42.69
N SER D 5 10.83 -10.99 17.46
CA SER D 5 11.72 -9.97 18.13
C SER D 5 12.80 -9.33 17.22
N ASP D 6 13.01 -9.88 16.01
CA ASP D 6 14.04 -9.41 15.06
C ASP D 6 13.54 -8.51 13.94
N PHE D 7 13.77 -7.20 14.05
CA PHE D 7 13.43 -6.27 12.96
C PHE D 7 14.65 -5.45 12.52
N PRO D 8 15.53 -6.07 11.73
CA PRO D 8 16.84 -5.43 11.52
C PRO D 8 16.79 -4.18 10.60
N GLN D 9 15.70 -3.98 9.92
CA GLN D 9 15.54 -2.76 9.14
C GLN D 9 14.76 -1.66 9.81
N HIS D 10 14.30 -1.89 11.04
CA HIS D 10 13.43 -0.92 11.69
C HIS D 10 14.15 0.48 11.84
N SER D 11 15.41 0.50 12.24
CA SER D 11 16.06 1.79 12.53
C SER D 11 16.27 2.54 11.27
N GLN D 12 16.48 1.84 10.18
CA GLN D 12 16.66 2.46 8.88
C GLN D 12 15.31 3.05 8.44
N HIS D 13 14.23 2.32 8.67
CA HIS D 13 12.88 2.77 8.34
CA HIS D 13 12.88 2.79 8.34
C HIS D 13 12.56 4.06 9.11
N VAL D 14 12.89 4.07 10.40
CA VAL D 14 12.71 5.25 11.22
C VAL D 14 13.51 6.45 10.66
N LEU D 15 14.79 6.25 10.39
CA LEU D 15 15.60 7.34 9.85
C LEU D 15 15.01 7.90 8.55
N GLU D 16 14.57 7.04 7.65
CA GLU D 16 13.90 7.53 6.42
C GLU D 16 12.63 8.31 6.68
N GLN D 17 11.85 7.86 7.63
CA GLN D 17 10.67 8.64 8.02
C GLN D 17 11.03 9.99 8.61
N LEU D 18 12.09 10.06 9.42
CA LEU D 18 12.49 11.37 10.02
C LEU D 18 12.90 12.31 8.89
N ASN D 19 13.56 11.75 7.89
CA ASN D 19 13.98 12.57 6.78
C ASN D 19 12.81 13.05 5.93
N GLN D 20 11.86 12.18 5.70
CA GLN D 20 10.56 12.60 5.10
C GLN D 20 9.92 13.73 5.87
N GLN D 21 9.82 13.58 7.19
CA GLN D 21 9.30 14.69 8.01
C GLN D 21 10.06 16.01 7.79
N ARG D 22 11.37 15.94 7.82
CA ARG D 22 12.20 17.15 7.65
C ARG D 22 11.93 17.84 6.29
N GLN D 23 11.87 17.05 5.23
CA GLN D 23 11.61 17.61 3.92
C GLN D 23 10.25 18.30 3.86
N LEU D 24 9.27 17.79 4.59
CA LEU D 24 7.91 18.39 4.61
C LEU D 24 7.71 19.37 5.70
N GLY D 25 8.72 19.60 6.52
CA GLY D 25 8.58 20.53 7.67
C GLY D 25 7.73 20.02 8.85
N LEU D 26 7.39 18.73 8.81
CA LEU D 26 6.57 18.16 9.88
C LEU D 26 7.33 18.02 11.19
N LEU D 27 6.69 18.49 12.24
CA LEU D 27 7.23 18.47 13.62
C LEU D 27 8.59 19.13 13.80
N CYS D 28 9.06 19.84 12.80
CA CYS D 28 10.37 20.49 12.90
C CYS D 28 10.27 21.68 13.86
N ASP D 29 11.08 21.65 14.88
CA ASP D 29 11.00 22.62 15.99
C ASP D 29 12.30 23.45 16.06
N CYS D 30 13.09 23.35 15.01
CA CYS D 30 14.38 23.97 14.95
C CYS D 30 14.57 24.45 13.54
N THR D 31 14.83 25.72 13.39
CA THR D 31 15.13 26.27 12.07
C THR D 31 16.45 27.00 12.18
N PHE D 32 17.36 26.70 11.25
CA PHE D 32 18.59 27.42 11.13
C PHE D 32 18.47 28.32 9.93
N VAL D 33 18.89 29.57 10.09
CA VAL D 33 18.92 30.49 8.96
C VAL D 33 20.35 30.87 8.76
N VAL D 34 20.90 30.43 7.65
CA VAL D 34 22.34 30.56 7.37
C VAL D 34 22.58 31.12 5.98
N ASP D 35 23.19 32.31 5.92
CA ASP D 35 23.45 33.01 4.65
C ASP D 35 22.18 33.04 3.82
N GLY D 36 21.07 33.40 4.47
CA GLY D 36 19.73 33.49 3.86
C GLY D 36 18.95 32.19 3.69
N VAL D 37 19.61 31.06 3.90
CA VAL D 37 19.00 29.77 3.60
C VAL D 37 18.40 29.17 4.87
N HIS D 38 17.17 28.71 4.76
CA HIS D 38 16.44 28.09 5.88
C HIS D 38 16.65 26.58 5.87
N PHE D 39 16.99 26.04 7.03
CA PHE D 39 17.12 24.61 7.22
C PHE D 39 16.26 24.17 8.38
N LYS D 40 15.30 23.29 8.13
CA LYS D 40 14.41 22.79 9.18
C LYS D 40 14.98 21.51 9.77
N ALA D 41 14.72 21.29 11.06
CA ALA D 41 15.22 20.10 11.75
C ALA D 41 14.43 19.82 13.00
N HIS D 42 14.67 18.65 13.56
CA HIS D 42 14.08 18.29 14.82
C HIS D 42 15.17 18.36 15.89
N LYS D 43 14.87 18.98 17.01
CA LYS D 43 15.86 19.04 18.10
C LYS D 43 16.28 17.71 18.57
N ALA D 44 15.30 16.84 18.72
CA ALA D 44 15.59 15.50 19.23
C ALA D 44 16.53 14.73 18.31
N VAL D 45 16.40 14.93 16.99
CA VAL D 45 17.26 14.21 16.07
C VAL D 45 18.68 14.80 16.11
N LEU D 46 18.78 16.12 16.12
CA LEU D 46 20.07 16.76 16.33
C LEU D 46 20.77 16.26 17.58
N ALA D 47 20.05 16.23 18.68
CA ALA D 47 20.62 15.82 19.97
C ALA D 47 21.00 14.39 19.89
N ALA D 48 20.26 13.62 19.10
CA ALA D 48 20.62 12.22 18.96
C ALA D 48 21.84 11.98 18.06
N CYS D 49 22.17 12.94 17.21
CA CYS D 49 23.33 12.77 16.34
C CYS D 49 24.59 13.44 16.85
N SER D 50 24.42 14.39 17.74
CA SER D 50 25.55 15.20 18.12
C SER D 50 25.55 15.42 19.60
N GLU D 51 26.61 14.91 20.22
CA GLU D 51 26.84 15.09 21.65
C GLU D 51 26.83 16.59 22.02
N TYR D 52 27.40 17.39 21.13
CA TYR D 52 27.36 18.84 21.28
C TYR D 52 25.96 19.45 21.31
N PHE D 53 25.10 19.10 20.37
CA PHE D 53 23.73 19.67 20.36
C PHE D 53 22.94 19.19 21.59
N LYS D 54 23.18 17.99 22.01
CA LYS D 54 22.46 17.41 23.15
C LYS D 54 22.82 18.19 24.43
N MET D 55 24.13 18.39 24.61
CA MET D 55 24.68 19.19 25.71
C MET D 55 24.13 20.60 25.65
N LEU D 56 24.13 21.20 24.47
CA LEU D 56 23.48 22.53 24.29
C LEU D 56 21.97 22.60 24.69
N PHE D 57 21.19 21.57 24.30
CA PHE D 57 19.71 21.54 24.53
C PHE D 57 19.44 21.31 26.05
N VAL D 58 20.24 20.47 26.66
CA VAL D 58 20.09 20.16 28.09
C VAL D 58 20.41 21.37 28.99
N ASP D 59 21.59 21.92 28.77
CA ASP D 59 22.06 23.17 29.43
C ASP D 59 21.36 24.47 28.97
N GLN D 60 20.40 24.34 28.05
CA GLN D 60 19.37 25.33 27.69
C GLN D 60 19.85 26.60 27.02
N LYS D 61 20.77 26.45 26.07
CA LYS D 61 21.15 27.54 25.14
C LYS D 61 20.13 27.65 24.01
N ASP D 62 20.05 28.82 23.36
CA ASP D 62 19.23 28.97 22.14
C ASP D 62 19.97 28.48 20.87
N VAL D 63 19.96 27.16 20.71
CA VAL D 63 20.55 26.51 19.53
C VAL D 63 19.94 27.00 18.17
N VAL D 64 18.64 27.33 18.19
CA VAL D 64 17.93 27.81 16.97
C VAL D 64 18.71 28.94 16.28
N HIS D 65 19.23 29.88 17.08
CA HIS D 65 19.96 31.06 16.61
C HIS D 65 21.48 30.94 16.88
N LEU D 66 22.02 29.72 16.87
CA LEU D 66 23.47 29.50 16.99
C LEU D 66 24.07 29.89 15.65
N ASP D 67 24.98 30.86 15.64
CA ASP D 67 25.49 31.36 14.37
C ASP D 67 26.39 30.32 13.74
N ILE D 68 25.98 29.85 12.56
CA ILE D 68 26.67 28.79 11.79
C ILE D 68 27.31 29.45 10.60
N SER D 69 28.56 29.05 10.33
CA SER D 69 29.38 29.74 9.30
C SER D 69 28.68 29.72 7.96
N ASN D 70 28.49 28.49 7.51
CA ASN D 70 28.31 28.19 6.13
C ASN D 70 27.07 27.31 5.82
N ALA D 71 26.37 27.66 4.76
CA ALA D 71 25.18 26.92 4.33
C ALA D 71 25.50 25.59 3.72
N ALA D 72 26.44 25.51 2.78
CA ALA D 72 26.76 24.23 2.16
C ALA D 72 27.26 23.19 3.18
N GLY D 73 28.12 23.63 4.08
CA GLY D 73 28.65 22.77 5.09
C GLY D 73 27.47 22.24 5.89
N LEU D 74 26.56 23.10 6.26
CA LEU D 74 25.45 22.72 7.13
C LEU D 74 24.49 21.77 6.44
N GLY D 75 24.16 22.05 5.19
CA GLY D 75 23.27 21.20 4.41
C GLY D 75 23.80 19.81 4.34
N GLN D 76 25.10 19.68 4.09
CA GLN D 76 25.70 18.38 4.02
C GLN D 76 25.70 17.68 5.37
N VAL D 77 25.98 18.44 6.43
CA VAL D 77 25.98 17.86 7.78
C VAL D 77 24.58 17.37 8.19
N LEU D 78 23.58 18.18 7.93
CA LEU D 78 22.20 17.79 8.22
C LEU D 78 21.78 16.57 7.38
N GLU D 79 22.24 16.56 6.14
CA GLU D 79 21.95 15.50 5.22
C GLU D 79 22.52 14.17 5.76
N PHE D 80 23.73 14.23 6.27
CA PHE D 80 24.33 13.09 6.94
C PHE D 80 23.54 12.65 8.20
N MET D 81 23.14 13.58 9.02
CA MET D 81 22.34 13.17 10.19
C MET D 81 21.09 12.39 9.84
N TYR D 82 20.40 12.87 8.82
CA TYR D 82 19.06 12.38 8.42
C TYR D 82 19.10 11.24 7.38
N THR D 83 20.26 10.96 6.77
CA THR D 83 20.39 9.88 5.76
C THR D 83 21.55 8.90 5.95
N ALA D 84 22.51 9.24 6.81
CA ALA D 84 23.71 8.44 7.01
C ALA D 84 24.70 8.59 5.88
N LYS D 85 24.38 9.44 4.92
CA LYS D 85 25.26 9.63 3.77
C LYS D 85 25.90 10.97 3.83
N LEU D 86 27.19 10.99 3.61
CA LEU D 86 27.94 12.20 3.52
C LEU D 86 28.56 12.27 2.15
N SER D 87 28.22 13.30 1.37
CA SER D 87 28.76 13.49 0.02
C SER D 87 29.77 14.60 -0.02
N LEU D 88 31.02 14.22 -0.17
CA LEU D 88 32.11 15.16 -0.21
C LEU D 88 32.64 15.33 -1.61
N SER D 89 33.11 16.53 -1.89
CA SER D 89 33.76 16.84 -3.15
C SER D 89 34.86 17.83 -2.85
N PRO D 90 35.81 18.04 -3.78
CA PRO D 90 36.83 19.08 -3.54
C PRO D 90 36.22 20.47 -3.32
N GLU D 91 35.08 20.73 -3.91
CA GLU D 91 34.41 22.00 -3.78
C GLU D 91 33.68 22.24 -2.44
N ASN D 92 33.30 21.18 -1.72
CA ASN D 92 32.59 21.38 -0.46
C ASN D 92 33.34 20.91 0.80
N VAL D 93 34.51 20.31 0.63
CA VAL D 93 35.10 19.61 1.75
C VAL D 93 35.44 20.57 2.87
N ASP D 94 35.97 21.75 2.53
CA ASP D 94 36.45 22.72 3.54
C ASP D 94 35.29 23.32 4.31
N ASP D 95 34.25 23.67 3.58
CA ASP D 95 32.97 24.09 4.17
C ASP D 95 32.40 23.03 5.11
N VAL D 96 32.40 21.76 4.69
CA VAL D 96 31.84 20.70 5.57
C VAL D 96 32.72 20.57 6.82
N LEU D 97 34.02 20.61 6.60
CA LEU D 97 34.97 20.43 7.67
C LEU D 97 34.84 21.54 8.71
N ALA D 98 34.62 22.77 8.25
CA ALA D 98 34.49 23.90 9.14
C ALA D 98 33.26 23.74 10.03
N VAL D 99 32.13 23.40 9.42
CA VAL D 99 30.91 23.22 10.21
C VAL D 99 31.08 22.06 11.17
N ALA D 100 31.68 21.00 10.72
CA ALA D 100 31.79 19.82 11.56
C ALA D 100 32.71 20.11 12.75
N THR D 101 33.70 20.97 12.53
CA THR D 101 34.64 21.38 13.57
C THR D 101 33.93 22.21 14.65
N PHE D 102 33.23 23.23 14.21
CA PHE D 102 32.31 23.97 15.04
C PHE D 102 31.34 23.11 15.87
N LEU D 103 30.84 22.02 15.29
CA LEU D 103 29.82 21.18 16.00
C LEU D 103 30.42 20.02 16.74
N GLN D 104 31.74 19.94 16.65
CA GLN D 104 32.51 18.84 17.18
C GLN D 104 31.97 17.46 16.73
N MET D 105 31.72 17.33 15.44
CA MET D 105 31.32 16.03 14.87
C MET D 105 32.50 15.28 14.24
N GLN D 106 33.08 14.42 15.06
CA GLN D 106 34.34 13.80 14.81
C GLN D 106 34.36 12.89 13.58
N ASP D 107 33.33 12.07 13.45
CA ASP D 107 33.10 11.22 12.26
C ASP D 107 33.21 12.03 10.94
N ILE D 108 32.53 13.15 10.92
CA ILE D 108 32.61 14.04 9.74
C ILE D 108 34.00 14.68 9.55
N ILE D 109 34.60 15.11 10.65
CA ILE D 109 35.91 15.75 10.63
C ILE D 109 36.95 14.79 10.01
N THR D 110 36.93 13.57 10.49
CA THR D 110 37.79 12.52 9.97
C THR D 110 37.51 12.19 8.49
N ALA D 111 36.24 12.13 8.10
CA ALA D 111 35.89 11.85 6.67
C ALA D 111 36.50 12.95 5.80
N CYS D 112 36.39 14.19 6.23
CA CYS D 112 36.97 15.30 5.45
C CYS D 112 38.48 15.17 5.33
N HIS D 113 39.13 14.86 6.43
CA HIS D 113 40.59 14.67 6.39
C HIS D 113 40.97 13.50 5.49
N ALA D 114 40.21 12.42 5.60
CA ALA D 114 40.40 11.25 4.78
C ALA D 114 40.30 11.61 3.30
N LEU D 115 39.29 12.39 2.94
CA LEU D 115 39.18 12.79 1.56
C LEU D 115 40.40 13.60 1.09
N LYS D 116 40.76 14.61 1.84
CA LYS D 116 41.94 15.41 1.50
C LYS D 116 43.25 14.56 1.50
N SER D 117 43.32 13.52 2.32
CA SER D 117 44.52 12.64 2.35
C SER D 117 44.72 11.96 1.00
N LEU D 118 43.69 11.94 0.18
CA LEU D 118 43.81 11.34 -1.17
C LEU D 118 44.63 12.16 -2.15
N ALA D 119 44.84 13.44 -1.88
CA ALA D 119 45.72 14.31 -2.71
C ALA D 119 47.19 14.36 -2.27
N GLY D 130 41.93 18.19 -3.49
CA GLY D 130 42.26 17.19 -4.48
C GLY D 130 41.29 17.14 -5.66
N THR D 131 41.13 15.92 -6.17
CA THR D 131 40.32 15.67 -7.38
C THR D 131 39.38 14.45 -7.27
N ALA D 132 39.09 14.05 -6.04
CA ALA D 132 38.19 12.95 -5.78
C ALA D 132 36.89 13.37 -5.09
N ASP D 133 35.79 12.75 -5.48
CA ASP D 133 34.52 12.90 -4.80
C ASP D 133 34.31 11.66 -4.03
N SER D 134 33.61 11.78 -2.91
CA SER D 134 33.31 10.62 -2.14
C SER D 134 31.93 10.72 -1.56
N CYS D 135 31.20 9.65 -1.71
CA CYS D 135 29.95 9.47 -1.03
C CYS D 135 30.12 8.40 0.03
N ILE D 136 30.07 8.79 1.29
CA ILE D 136 30.34 7.87 2.37
C ILE D 136 29.03 7.52 3.07
N GLN D 137 28.83 6.24 3.28
CA GLN D 137 27.61 5.77 3.91
C GLN D 137 27.95 5.06 5.21
N PHE D 138 27.42 5.58 6.30
CA PHE D 138 27.73 5.11 7.62
C PHE D 138 26.67 4.10 8.01
N THR D 139 26.99 2.82 7.88
CA THR D 139 25.96 1.77 7.96
C THR D 139 25.38 1.54 9.36
N ARG D 140 26.06 2.04 10.39
CA ARG D 140 25.57 1.91 11.77
C ARG D 140 24.85 3.16 12.26
N HIS D 141 24.78 4.18 11.43
CA HIS D 141 24.27 5.45 11.88
C HIS D 141 22.78 5.42 12.26
N ALA D 142 21.96 4.76 11.47
CA ALA D 142 20.52 4.72 11.75
C ALA D 142 20.25 4.05 13.10
N SER D 143 20.97 2.98 13.38
CA SER D 143 20.90 2.34 14.71
C SER D 143 21.41 3.20 15.82
N ASP D 144 22.49 3.92 15.57
CA ASP D 144 23.05 4.85 16.59
C ASP D 144 22.03 5.91 16.89
N VAL D 145 21.42 6.47 15.86
CA VAL D 145 20.39 7.52 16.08
C VAL D 145 19.25 7.02 16.95
N LEU D 146 18.72 5.85 16.63
CA LEU D 146 17.59 5.32 17.37
C LEU D 146 17.98 5.00 18.83
N LEU D 147 19.17 4.45 19.01
CA LEU D 147 19.71 4.18 20.33
C LEU D 147 19.81 5.46 21.11
N ASN D 148 20.32 6.49 20.47
CA ASN D 148 20.39 7.77 21.17
C ASN D 148 19.06 8.40 21.41
N LEU D 149 18.08 8.21 20.51
CA LEU D 149 16.74 8.74 20.79
C LEU D 149 16.15 8.02 22.03
N ASN D 150 16.43 6.74 22.18
CA ASN D 150 15.94 5.99 23.33
C ASN D 150 16.62 6.42 24.63
N ARG D 151 17.92 6.68 24.55
CA ARG D 151 18.61 7.30 25.70
C ARG D 151 17.98 8.62 26.08
N LEU D 152 17.68 9.45 25.09
CA LEU D 152 17.02 10.70 25.39
C LEU D 152 15.70 10.41 26.12
N ARG D 153 14.95 9.45 25.62
CA ARG D 153 13.64 9.16 26.22
C ARG D 153 13.80 8.69 27.69
N SER D 154 14.73 7.78 27.94
CA SER D 154 15.09 7.33 29.29
C SER D 154 15.33 8.45 30.30
N ARG D 155 15.99 9.50 29.87
CA ARG D 155 16.36 10.60 30.74
C ARG D 155 15.43 11.76 30.55
N ASP D 156 14.34 11.52 29.87
CA ASP D 156 13.28 12.54 29.63
C ASP D 156 13.80 13.85 28.98
N ILE D 157 14.76 13.68 28.07
CA ILE D 157 15.33 14.84 27.35
C ILE D 157 14.64 15.11 26.01
N LEU D 158 14.15 16.33 25.86
CA LEU D 158 13.45 16.82 24.66
C LEU D 158 12.13 16.11 24.31
N THR D 159 11.64 15.27 25.19
CA THR D 159 10.30 14.69 25.03
C THR D 159 9.30 15.82 25.02
N ASP D 160 8.32 15.74 24.14
CA ASP D 160 7.37 16.82 23.92
C ASP D 160 5.93 16.35 23.95
N VAL D 161 5.73 15.12 24.38
CA VAL D 161 4.34 14.66 24.49
C VAL D 161 4.26 13.62 25.57
N VAL D 162 3.09 13.56 26.17
CA VAL D 162 2.73 12.47 27.08
C VAL D 162 1.55 11.72 26.45
N ILE D 163 1.70 10.41 26.34
CA ILE D 163 0.65 9.56 25.83
C ILE D 163 0.00 8.94 27.03
N VAL D 164 -1.32 9.16 27.14
CA VAL D 164 -2.10 8.63 28.24
C VAL D 164 -2.95 7.45 27.78
N VAL D 165 -2.74 6.31 28.41
CA VAL D 165 -3.54 5.14 28.19
C VAL D 165 -4.12 4.69 29.55
N SER D 166 -5.42 4.89 29.76
CA SER D 166 -6.09 4.54 31.04
C SER D 166 -5.43 5.37 32.18
N ARG D 167 -4.84 4.66 33.15
CA ARG D 167 -4.09 5.31 34.22
C ARG D 167 -2.72 5.74 33.67
N GLU D 168 -2.12 4.89 32.85
CA GLU D 168 -0.70 4.98 32.50
C GLU D 168 -0.33 6.16 31.60
N GLN D 169 0.86 6.66 31.83
CA GLN D 169 1.41 7.83 31.14
C GLN D 169 2.77 7.46 30.60
N PHE D 170 3.02 7.84 29.36
CA PHE D 170 4.28 7.53 28.66
C PHE D 170 4.80 8.78 27.96
N ARG D 171 6.01 9.16 28.27
CA ARG D 171 6.62 10.33 27.66
C ARG D 171 7.30 9.86 26.38
N ALA D 172 7.33 10.70 25.36
CA ALA D 172 7.90 10.31 24.08
C ALA D 172 8.20 11.52 23.23
N HIS D 173 8.86 11.28 22.11
CA HIS D 173 9.08 12.31 21.10
C HIS D 173 8.05 12.13 19.97
N LYS D 174 7.30 13.16 19.67
CA LYS D 174 6.27 13.09 18.62
C LYS D 174 6.82 12.62 17.30
N THR D 175 8.02 13.07 16.99
CA THR D 175 8.63 12.73 15.73
C THR D 175 8.87 11.22 15.59
N VAL D 176 9.26 10.55 16.66
CA VAL D 176 9.44 9.11 16.59
C VAL D 176 8.08 8.38 16.45
N LEU D 177 7.09 8.82 17.22
CA LEU D 177 5.79 8.20 17.18
C LEU D 177 5.22 8.27 15.76
N MET D 178 5.34 9.42 15.17
CA MET D 178 4.87 9.69 13.83
C MET D 178 5.62 8.82 12.85
N ALA D 179 6.90 8.63 13.08
CA ALA D 179 7.68 7.80 12.19
C ALA D 179 7.20 6.34 12.17
N CYS D 180 6.66 5.85 13.26
CA CYS D 180 6.41 4.39 13.42
C CYS D 180 4.97 3.95 13.35
N SER D 181 4.04 4.90 13.43
CA SER D 181 2.63 4.60 13.60
C SER D 181 1.75 5.48 12.73
N GLY D 182 0.98 4.84 11.85
CA GLY D 182 0.00 5.58 11.02
C GLY D 182 -1.02 6.36 11.88
N LEU D 183 -1.38 5.83 13.04
CA LEU D 183 -2.33 6.56 13.90
C LEU D 183 -1.70 7.87 14.39
N PHE D 184 -0.47 7.78 14.84
CA PHE D 184 0.20 8.98 15.32
C PHE D 184 0.45 9.98 14.19
N TYR D 185 0.74 9.48 12.99
CA TYR D 185 0.93 10.33 11.86
C TYR D 185 -0.33 11.17 11.67
N SER D 186 -1.48 10.51 11.70
CA SER D 186 -2.79 11.21 11.56
C SER D 186 -3.07 12.17 12.69
N ILE D 187 -2.83 11.74 13.92
CA ILE D 187 -3.01 12.65 15.09
C ILE D 187 -2.12 13.90 14.97
N PHE D 188 -0.84 13.72 14.65
CA PHE D 188 0.08 14.84 14.69
C PHE D 188 0.04 15.73 13.44
N THR D 189 -0.68 15.29 12.40
CA THR D 189 -1.01 16.17 11.26
C THR D 189 -2.44 16.70 11.25
N ASP D 190 -3.17 16.47 12.32
CA ASP D 190 -4.52 17.01 12.49
C ASP D 190 -4.43 18.39 13.13
N GLN D 191 -4.98 19.40 12.47
CA GLN D 191 -4.80 20.80 12.95
C GLN D 191 -5.32 20.98 14.37
N LEU D 192 -6.39 20.27 14.72
CA LEU D 192 -6.99 20.41 16.07
C LEU D 192 -6.26 19.65 17.16
N LYS D 193 -5.31 18.79 16.79
CA LYS D 193 -4.54 18.01 17.79
C LYS D 193 -3.02 18.18 17.75
N CYS D 194 -2.49 18.70 16.66
CA CYS D 194 -1.03 18.72 16.43
C CYS D 194 -0.24 19.46 17.55
N ASN D 195 -0.89 20.41 18.22
CA ASN D 195 -0.24 21.22 19.29
C ASN D 195 -0.51 20.82 20.73
N LEU D 196 -1.23 19.73 20.91
CA LEU D 196 -1.48 19.21 22.24
C LEU D 196 -0.21 18.58 22.81
N SER D 197 0.01 18.75 24.11
CA SER D 197 1.13 18.15 24.80
C SER D 197 0.72 16.84 25.49
N VAL D 198 -0.58 16.57 25.49
CA VAL D 198 -1.13 15.35 26.09
C VAL D 198 -2.05 14.71 25.06
N ILE D 199 -1.82 13.44 24.78
CA ILE D 199 -2.68 12.68 23.86
C ILE D 199 -3.25 11.48 24.60
N ASN D 200 -4.58 11.45 24.65
CA ASN D 200 -5.33 10.39 25.33
C ASN D 200 -5.74 9.39 24.28
N LEU D 201 -5.28 8.17 24.43
CA LEU D 201 -5.66 7.10 23.53
C LEU D 201 -6.98 6.52 23.95
N ASP D 202 -7.59 5.77 23.04
CA ASP D 202 -8.74 4.95 23.38
C ASP D 202 -8.43 4.35 24.75
N PRO D 203 -9.22 4.67 25.76
CA PRO D 203 -8.82 4.22 27.09
C PRO D 203 -9.02 2.72 27.35
N GLU D 204 -9.61 2.01 26.40
CA GLU D 204 -9.74 0.54 26.52
C GLU D 204 -8.54 -0.20 25.96
N ILE D 205 -7.62 0.58 25.42
CA ILE D 205 -6.31 0.05 25.06
C ILE D 205 -5.64 -0.48 26.32
N ASN D 206 -5.02 -1.64 26.19
CA ASN D 206 -4.14 -2.23 27.17
C ASN D 206 -2.78 -1.47 27.31
N PRO D 207 -2.49 -0.93 28.48
CA PRO D 207 -1.28 -0.15 28.68
C PRO D 207 -0.01 -0.96 28.49
N GLU D 208 -0.01 -2.20 28.94
CA GLU D 208 1.15 -3.07 28.79
C GLU D 208 1.47 -3.24 27.29
N GLY D 209 0.43 -3.45 26.51
CA GLY D 209 0.58 -3.61 25.08
C GLY D 209 1.19 -2.36 24.45
N PHE D 210 0.72 -1.21 24.90
CA PHE D 210 1.29 0.05 24.39
C PHE D 210 2.75 0.19 24.75
N CYS D 211 3.06 -0.11 25.99
CA CYS D 211 4.42 0.00 26.50
C CYS D 211 5.40 -0.83 25.73
N ILE D 212 5.01 -2.06 25.41
CA ILE D 212 5.80 -2.94 24.57
C ILE D 212 6.01 -2.39 23.16
N LEU D 213 4.97 -1.76 22.61
CA LEU D 213 5.06 -1.21 21.26
C LEU D 213 5.92 0.06 21.23
N LEU D 214 5.76 0.88 22.24
CA LEU D 214 6.60 2.08 22.41
C LEU D 214 8.09 1.69 22.53
N ASP D 215 8.37 0.68 23.36
CA ASP D 215 9.74 0.16 23.41
C ASP D 215 10.24 -0.35 22.06
N PHE D 216 9.37 -1.10 21.36
CA PHE D 216 9.73 -1.53 20.06
C PHE D 216 10.13 -0.34 19.16
N MET D 217 9.34 0.70 19.17
CA MET D 217 9.60 1.87 18.31
C MET D 217 11.01 2.41 18.51
N TYR D 218 11.44 2.45 19.77
CA TYR D 218 12.70 3.04 20.16
C TYR D 218 13.88 2.09 20.15
N THR D 219 13.64 0.79 20.01
CA THR D 219 14.70 -0.22 20.09
C THR D 219 14.77 -1.26 18.97
N SER D 220 13.71 -1.45 18.21
CA SER D 220 13.61 -2.52 17.23
C SER D 220 13.38 -3.90 17.82
N ARG D 221 13.17 -3.97 19.11
CA ARG D 221 12.96 -5.25 19.76
C ARG D 221 11.52 -5.32 20.23
N LEU D 222 10.85 -6.37 19.80
CA LEU D 222 9.48 -6.63 20.15
C LEU D 222 9.44 -7.79 21.14
N ASN D 223 9.25 -7.45 22.40
CA ASN D 223 9.22 -8.45 23.47
C ASN D 223 7.87 -9.15 23.62
N LEU D 224 7.60 -10.10 22.73
CA LEU D 224 6.40 -10.93 22.76
C LEU D 224 6.53 -12.11 23.69
N ARG D 225 5.49 -12.31 24.49
CA ARG D 225 5.32 -13.52 25.32
C ARG D 225 3.90 -14.03 25.13
N GLU D 226 3.64 -15.29 25.46
CA GLU D 226 2.31 -15.90 25.25
C GLU D 226 1.16 -15.11 25.88
N GLY D 227 1.42 -14.61 27.07
CA GLY D 227 0.46 -13.84 27.85
C GLY D 227 0.27 -12.39 27.45
N ASN D 228 1.03 -11.89 26.47
CA ASN D 228 0.81 -10.52 26.00
C ASN D 228 0.49 -10.42 24.52
N ILE D 229 0.56 -11.51 23.80
CA ILE D 229 0.52 -11.37 22.36
C ILE D 229 -0.81 -10.83 21.82
N MET D 230 -1.91 -11.20 22.47
CA MET D 230 -3.23 -10.72 22.07
C MET D 230 -3.35 -9.23 22.19
N ALA D 231 -2.86 -8.74 23.32
CA ALA D 231 -2.91 -7.34 23.63
C ALA D 231 -1.95 -6.51 22.72
N VAL D 232 -0.77 -7.08 22.45
CA VAL D 232 0.19 -6.40 21.60
C VAL D 232 -0.35 -6.33 20.18
N MET D 233 -0.88 -7.45 19.70
CA MET D 233 -1.50 -7.47 18.39
C MET D 233 -2.62 -6.41 18.24
N ALA D 234 -3.50 -6.34 19.23
CA ALA D 234 -4.66 -5.43 19.18
C ALA D 234 -4.17 -4.01 19.22
N THR D 235 -3.20 -3.76 20.07
CA THR D 235 -2.64 -2.43 20.17
C THR D 235 -1.94 -2.02 18.86
N ALA D 236 -1.30 -2.96 18.21
CA ALA D 236 -0.55 -2.64 16.97
C ALA D 236 -1.53 -2.34 15.86
N MET D 237 -2.69 -2.98 15.93
CA MET D 237 -3.74 -2.76 14.94
C MET D 237 -4.28 -1.35 15.08
N TYR D 238 -4.59 -0.99 16.30
CA TYR D 238 -5.05 0.32 16.61
C TYR D 238 -4.03 1.42 16.25
N LEU D 239 -2.76 1.15 16.51
CA LEU D 239 -1.68 2.07 16.13
C LEU D 239 -1.30 2.04 14.66
N GLN D 240 -1.90 1.11 13.92
CA GLN D 240 -1.64 0.91 12.49
C GLN D 240 -0.17 0.67 12.25
N MET D 241 0.34 -0.35 12.93
CA MET D 241 1.68 -0.85 12.73
C MET D 241 1.53 -2.27 12.16
N GLU D 242 1.28 -2.32 10.87
CA GLU D 242 0.88 -3.54 10.21
C GLU D 242 1.94 -4.60 10.22
N HIS D 243 3.21 -4.23 10.10
CA HIS D 243 4.24 -5.27 10.12
C HIS D 243 4.26 -5.99 11.45
N VAL D 244 4.02 -5.25 12.52
CA VAL D 244 3.97 -5.84 13.86
C VAL D 244 2.73 -6.73 14.02
N VAL D 245 1.63 -6.30 13.45
CA VAL D 245 0.41 -7.09 13.47
C VAL D 245 0.67 -8.41 12.81
N ASP D 246 1.23 -8.37 11.60
CA ASP D 246 1.59 -9.62 10.90
C ASP D 246 2.50 -10.52 11.70
N THR D 247 3.46 -9.93 12.38
CA THR D 247 4.42 -10.71 13.17
C THR D 247 3.66 -11.40 14.28
N CYS D 248 2.75 -10.69 14.89
CA CYS D 248 1.98 -11.27 15.98
C CYS D 248 1.11 -12.42 15.49
N ARG D 249 0.50 -12.25 14.32
CA ARG D 249 -0.34 -13.27 13.73
C ARG D 249 0.45 -14.55 13.49
N LYS D 250 1.60 -14.40 12.86
CA LYS D 250 2.52 -15.53 12.63
C LYS D 250 2.92 -16.23 13.94
N PHE D 251 3.25 -15.47 14.99
CA PHE D 251 3.66 -16.03 16.31
C PHE D 251 2.54 -16.89 16.91
N ILE D 252 1.29 -16.52 16.64
CA ILE D 252 0.13 -17.25 17.17
C ILE D 252 -0.12 -18.59 16.50
N LYS D 253 -0.11 -18.56 15.17
CA LYS D 253 -0.26 -19.76 14.34
C LYS D 253 0.76 -20.84 14.77
N ALA D 254 1.94 -20.40 15.21
CA ALA D 254 3.04 -21.29 15.63
C ALA D 254 3.34 -21.19 17.13
#